data_6E6N
# 
_entry.id   6E6N 
# 
_audit_conform.dict_name       mmcif_pdbx.dic 
_audit_conform.dict_version    5.397 
_audit_conform.dict_location   http://mmcif.pdb.org/dictionaries/ascii/mmcif_pdbx.dic 
# 
loop_
_database_2.database_id 
_database_2.database_code 
_database_2.pdbx_database_accession 
_database_2.pdbx_DOI 
PDB   6E6N         pdb_00006e6n 10.2210/pdb6e6n/pdb 
WWPDB D_1000235823 ?            ?                   
# 
loop_
_pdbx_audit_revision_history.ordinal 
_pdbx_audit_revision_history.data_content_type 
_pdbx_audit_revision_history.major_revision 
_pdbx_audit_revision_history.minor_revision 
_pdbx_audit_revision_history.revision_date 
1 'Structure model' 1 0 2019-08-07 
2 'Structure model' 1 1 2024-10-23 
# 
_pdbx_audit_revision_details.ordinal             1 
_pdbx_audit_revision_details.revision_ordinal    1 
_pdbx_audit_revision_details.data_content_type   'Structure model' 
_pdbx_audit_revision_details.provider            repository 
_pdbx_audit_revision_details.type                'Initial release' 
_pdbx_audit_revision_details.description         ? 
_pdbx_audit_revision_details.details             ? 
# 
loop_
_pdbx_audit_revision_group.ordinal 
_pdbx_audit_revision_group.revision_ordinal 
_pdbx_audit_revision_group.data_content_type 
_pdbx_audit_revision_group.group 
1 2 'Structure model' 'Data collection'     
2 2 'Structure model' 'Database references' 
3 2 'Structure model' 'Structure summary'   
# 
loop_
_pdbx_audit_revision_category.ordinal 
_pdbx_audit_revision_category.revision_ordinal 
_pdbx_audit_revision_category.data_content_type 
_pdbx_audit_revision_category.category 
1 2 'Structure model' chem_comp_atom            
2 2 'Structure model' chem_comp_bond            
3 2 'Structure model' database_2                
4 2 'Structure model' pdbx_entry_details        
5 2 'Structure model' pdbx_modification_feature 
# 
loop_
_pdbx_audit_revision_item.ordinal 
_pdbx_audit_revision_item.revision_ordinal 
_pdbx_audit_revision_item.data_content_type 
_pdbx_audit_revision_item.item 
1 2 'Structure model' '_database_2.pdbx_DOI'                
2 2 'Structure model' '_database_2.pdbx_database_accession' 
# 
_pdbx_database_status.status_code                     REL 
_pdbx_database_status.status_code_sf                  REL 
_pdbx_database_status.status_code_mr                  ? 
_pdbx_database_status.entry_id                        6E6N 
_pdbx_database_status.recvd_initial_deposition_date   2018-07-25 
_pdbx_database_status.SG_entry                        N 
_pdbx_database_status.deposit_site                    RCSB 
_pdbx_database_status.process_site                    RCSB 
_pdbx_database_status.status_code_cs                  ? 
_pdbx_database_status.methods_development_category    ? 
_pdbx_database_status.pdb_format_compatible           Y 
_pdbx_database_status.status_code_nmr_data            ? 
# 
loop_
_audit_author.name 
_audit_author.pdbx_ordinal 
_audit_author.identifier_ORCID 
'Finke, A.D.' 1 ? 
'Marsh, M.E.' 2 ? 
# 
_citation.abstract                  ? 
_citation.abstract_id_CAS           ? 
_citation.book_id_ISBN              ? 
_citation.book_publisher            ? 
_citation.book_publisher_city       ? 
_citation.book_title                ? 
_citation.coordinate_linkage        ? 
_citation.country                   ? 
_citation.database_id_Medline       ? 
_citation.details                   ? 
_citation.id                        primary 
_citation.journal_abbrev            'To Be Published' 
_citation.journal_id_ASTM           ? 
_citation.journal_id_CSD            0353 
_citation.journal_id_ISSN           ? 
_citation.journal_full              ? 
_citation.journal_issue             ? 
_citation.journal_volume            ? 
_citation.language                  ? 
_citation.page_first                ? 
_citation.page_last                 ? 
_citation.title                     
'Ab initio crystal structure determination of Euplotes raikovi pheromones from high-resolution data' 
_citation.year                      ? 
_citation.database_id_CSD           ? 
_citation.pdbx_database_id_DOI      ? 
_citation.pdbx_database_id_PubMed   ? 
_citation.unpublished_flag          ? 
# 
loop_
_citation_author.citation_id 
_citation_author.name 
_citation_author.ordinal 
_citation_author.identifier_ORCID 
primary 'Finke, A.D.'  1 ? 
primary 'Pedrini, B.'  2 ? 
primary 'Alimenti, C.' 3 ? 
primary 'Vallesi, A.'  4 ? 
primary 'Luporini, P.' 5 ? 
primary 'Marsh, M.'    6 ? 
# 
loop_
_entity.id 
_entity.type 
_entity.src_method 
_entity.pdbx_description 
_entity.formula_weight 
_entity.pdbx_number_of_molecules 
_entity.pdbx_ec 
_entity.pdbx_mutation 
_entity.pdbx_fragment 
_entity.details 
1 polymer nat 'Pheromone from Euplotes raikovi Er-13' 4056.491 1  ? ? ? ? 
2 water   nat water                                   18.015   23 ? ? ? ? 
# 
_entity_poly.entity_id                      1 
_entity_poly.type                           'polypeptide(L)' 
_entity_poly.nstd_linkage                   no 
_entity_poly.nstd_monomer                   no 
_entity_poly.pdbx_seq_one_letter_code       DECAIAAQQCTNEEGCDAACAPDPEATMGCLMYIWNNC 
_entity_poly.pdbx_seq_one_letter_code_can   DECAIAAQQCTNEEGCDAACAPDPEATMGCLMYIWNNC 
_entity_poly.pdbx_strand_id                 A 
_entity_poly.pdbx_target_identifier         ? 
# 
_pdbx_entity_nonpoly.entity_id   2 
_pdbx_entity_nonpoly.name        water 
_pdbx_entity_nonpoly.comp_id     HOH 
# 
loop_
_entity_poly_seq.entity_id 
_entity_poly_seq.num 
_entity_poly_seq.mon_id 
_entity_poly_seq.hetero 
1 1  ASP n 
1 2  GLU n 
1 3  CYS n 
1 4  ALA n 
1 5  ILE n 
1 6  ALA n 
1 7  ALA n 
1 8  GLN n 
1 9  GLN n 
1 10 CYS n 
1 11 THR n 
1 12 ASN n 
1 13 GLU n 
1 14 GLU n 
1 15 GLY n 
1 16 CYS n 
1 17 ASP n 
1 18 ALA n 
1 19 ALA n 
1 20 CYS n 
1 21 ALA n 
1 22 PRO n 
1 23 ASP n 
1 24 PRO n 
1 25 GLU n 
1 26 ALA n 
1 27 THR n 
1 28 MET n 
1 29 GLY n 
1 30 CYS n 
1 31 LEU n 
1 32 MET n 
1 33 TYR n 
1 34 ILE n 
1 35 TRP n 
1 36 ASN n 
1 37 ASN n 
1 38 CYS n 
# 
_entity_src_nat.entity_id                  1 
_entity_src_nat.pdbx_src_id                1 
_entity_src_nat.pdbx_alt_source_flag       sample 
_entity_src_nat.pdbx_beg_seq_num           ? 
_entity_src_nat.pdbx_end_seq_num           ? 
_entity_src_nat.common_name                ? 
_entity_src_nat.pdbx_organism_scientific   'Euplotes raikovi' 
_entity_src_nat.pdbx_ncbi_taxonomy_id      5938 
_entity_src_nat.genus                      ? 
_entity_src_nat.species                    ? 
_entity_src_nat.strain                     ? 
_entity_src_nat.tissue                     ? 
_entity_src_nat.tissue_fraction            ? 
_entity_src_nat.pdbx_secretion             ? 
_entity_src_nat.pdbx_fragment              ? 
_entity_src_nat.pdbx_variant               ? 
_entity_src_nat.pdbx_cell_line             ? 
_entity_src_nat.pdbx_atcc                  ? 
_entity_src_nat.pdbx_cellular_location     ? 
_entity_src_nat.pdbx_organ                 ? 
_entity_src_nat.pdbx_organelle             ? 
_entity_src_nat.pdbx_cell                  ? 
_entity_src_nat.pdbx_plasmid_name          ? 
_entity_src_nat.pdbx_plasmid_details       ? 
_entity_src_nat.details                    ? 
# 
loop_
_chem_comp.id 
_chem_comp.type 
_chem_comp.mon_nstd_flag 
_chem_comp.name 
_chem_comp.pdbx_synonyms 
_chem_comp.formula 
_chem_comp.formula_weight 
ALA 'L-peptide linking' y ALANINE         ? 'C3 H7 N O2'    89.093  
ASN 'L-peptide linking' y ASPARAGINE      ? 'C4 H8 N2 O3'   132.118 
ASP 'L-peptide linking' y 'ASPARTIC ACID' ? 'C4 H7 N O4'    133.103 
CYS 'L-peptide linking' y CYSTEINE        ? 'C3 H7 N O2 S'  121.158 
GLN 'L-peptide linking' y GLUTAMINE       ? 'C5 H10 N2 O3'  146.144 
GLU 'L-peptide linking' y 'GLUTAMIC ACID' ? 'C5 H9 N O4'    147.129 
GLY 'peptide linking'   y GLYCINE         ? 'C2 H5 N O2'    75.067  
HOH non-polymer         . WATER           ? 'H2 O'          18.015  
ILE 'L-peptide linking' y ISOLEUCINE      ? 'C6 H13 N O2'   131.173 
LEU 'L-peptide linking' y LEUCINE         ? 'C6 H13 N O2'   131.173 
MET 'L-peptide linking' y METHIONINE      ? 'C5 H11 N O2 S' 149.211 
PRO 'L-peptide linking' y PROLINE         ? 'C5 H9 N O2'    115.130 
THR 'L-peptide linking' y THREONINE       ? 'C4 H9 N O3'    119.119 
TRP 'L-peptide linking' y TRYPTOPHAN      ? 'C11 H12 N2 O2' 204.225 
TYR 'L-peptide linking' y TYROSINE        ? 'C9 H11 N O3'   181.189 
# 
loop_
_pdbx_poly_seq_scheme.asym_id 
_pdbx_poly_seq_scheme.entity_id 
_pdbx_poly_seq_scheme.seq_id 
_pdbx_poly_seq_scheme.mon_id 
_pdbx_poly_seq_scheme.ndb_seq_num 
_pdbx_poly_seq_scheme.pdb_seq_num 
_pdbx_poly_seq_scheme.auth_seq_num 
_pdbx_poly_seq_scheme.pdb_mon_id 
_pdbx_poly_seq_scheme.auth_mon_id 
_pdbx_poly_seq_scheme.pdb_strand_id 
_pdbx_poly_seq_scheme.pdb_ins_code 
_pdbx_poly_seq_scheme.hetero 
A 1 1  ASP 1  1  1  ASP ASP A . n 
A 1 2  GLU 2  2  2  GLU GLU A . n 
A 1 3  CYS 3  3  3  CYS CYS A . n 
A 1 4  ALA 4  4  4  ALA ALA A . n 
A 1 5  ILE 5  5  5  ILE ILE A . n 
A 1 6  ALA 6  6  6  ALA ALA A . n 
A 1 7  ALA 7  7  7  ALA ALA A . n 
A 1 8  GLN 8  8  8  GLN GLN A . n 
A 1 9  GLN 9  9  9  GLN GLN A . n 
A 1 10 CYS 10 10 10 CYS CYS A . n 
A 1 11 THR 11 11 11 THR THR A . n 
A 1 12 ASN 12 12 12 ASN ASN A . n 
A 1 13 GLU 13 13 13 GLU GLU A . n 
A 1 14 GLU 14 14 14 GLU GLU A . n 
A 1 15 GLY 15 15 15 GLY GLY A . n 
A 1 16 CYS 16 16 16 CYS CYS A . n 
A 1 17 ASP 17 17 17 ASP ASP A . n 
A 1 18 ALA 18 18 18 ALA ALA A . n 
A 1 19 ALA 19 19 19 ALA ALA A . n 
A 1 20 CYS 20 20 20 CYS CYS A . n 
A 1 21 ALA 21 21 21 ALA ALA A . n 
A 1 22 PRO 22 22 22 PRO PRO A . n 
A 1 23 ASP 23 23 23 ASP ASP A . n 
A 1 24 PRO 24 24 24 PRO PRO A . n 
A 1 25 GLU 25 25 25 GLU GLU A . n 
A 1 26 ALA 26 26 26 ALA ALA A . n 
A 1 27 THR 27 27 27 THR THR A . n 
A 1 28 MET 28 28 28 MET MET A . n 
A 1 29 GLY 29 29 29 GLY GLY A . n 
A 1 30 CYS 30 30 30 CYS CYS A . n 
A 1 31 LEU 31 31 31 LEU LEU A . n 
A 1 32 MET 32 32 32 MET MET A . n 
A 1 33 TYR 33 33 33 TYR TYR A . n 
A 1 34 ILE 34 34 34 ILE ILE A . n 
A 1 35 TRP 35 35 35 TRP TRP A . n 
A 1 36 ASN 36 36 36 ASN ASN A . n 
A 1 37 ASN 37 37 37 ASN ASN A . n 
A 1 38 CYS 38 38 38 CYS CYS A . n 
# 
loop_
_pdbx_nonpoly_scheme.asym_id 
_pdbx_nonpoly_scheme.entity_id 
_pdbx_nonpoly_scheme.mon_id 
_pdbx_nonpoly_scheme.ndb_seq_num 
_pdbx_nonpoly_scheme.pdb_seq_num 
_pdbx_nonpoly_scheme.auth_seq_num 
_pdbx_nonpoly_scheme.pdb_mon_id 
_pdbx_nonpoly_scheme.auth_mon_id 
_pdbx_nonpoly_scheme.pdb_strand_id 
_pdbx_nonpoly_scheme.pdb_ins_code 
B 2 HOH 1  101 25 HOH HOH A . 
B 2 HOH 2  102 10 HOH HOH A . 
B 2 HOH 3  103 22 HOH HOH A . 
B 2 HOH 4  104 24 HOH HOH A . 
B 2 HOH 5  105 3  HOH HOH A . 
B 2 HOH 6  106 11 HOH HOH A . 
B 2 HOH 7  107 37 HOH HOH A . 
B 2 HOH 8  108 21 HOH HOH A . 
B 2 HOH 9  109 39 HOH HOH A . 
B 2 HOH 10 110 23 HOH HOH A . 
B 2 HOH 11 111 38 HOH HOH A . 
B 2 HOH 12 112 35 HOH HOH A . 
B 2 HOH 13 113 28 HOH HOH A . 
B 2 HOH 14 114 15 HOH HOH A . 
B 2 HOH 15 115 30 HOH HOH A . 
B 2 HOH 16 116 33 HOH HOH A . 
B 2 HOH 17 117 26 HOH HOH A . 
B 2 HOH 18 118 34 HOH HOH A . 
B 2 HOH 19 119 12 HOH HOH A . 
B 2 HOH 20 120 16 HOH HOH A . 
B 2 HOH 21 121 46 HOH HOH A . 
B 2 HOH 22 122 27 HOH HOH A . 
B 2 HOH 23 123 47 HOH HOH A . 
# 
loop_
_software.citation_id 
_software.classification 
_software.compiler_name 
_software.compiler_version 
_software.contact_author 
_software.contact_author_email 
_software.date 
_software.description 
_software.dependencies 
_software.hardware 
_software.language 
_software.location 
_software.mods 
_software.name 
_software.os 
_software.os_version 
_software.type 
_software.version 
_software.pdbx_ordinal 
? refinement       ? ? ? ? ? ? ? ? ? ? ? REFMAC     ? ? ? 5.8.0135 1 
? 'data reduction' ? ? ? ? ? ? ? ? ? ? ? XDS        ? ? ? .        2 
? 'data scaling'   ? ? ? ? ? ? ? ? ? ? ? XDS        ? ? ? .        3 
? phasing          ? ? ? ? ? ? ? ? ? ? ? Arcimboldo ? ? ? .        4 
# 
_cell.angle_alpha                  90.00 
_cell.angle_alpha_esd              ? 
_cell.angle_beta                   90.00 
_cell.angle_beta_esd               ? 
_cell.angle_gamma                  90.00 
_cell.angle_gamma_esd              ? 
_cell.entry_id                     6E6N 
_cell.details                      ? 
_cell.formula_units_Z              ? 
_cell.length_a                     39.116 
_cell.length_a_esd                 ? 
_cell.length_b                     39.116 
_cell.length_b_esd                 ? 
_cell.length_c                     19.446 
_cell.length_c_esd                 ? 
_cell.volume                       ? 
_cell.volume_esd                   ? 
_cell.Z_PDB                        4 
_cell.reciprocal_angle_alpha       ? 
_cell.reciprocal_angle_beta        ? 
_cell.reciprocal_angle_gamma       ? 
_cell.reciprocal_angle_alpha_esd   ? 
_cell.reciprocal_angle_beta_esd    ? 
_cell.reciprocal_angle_gamma_esd   ? 
_cell.reciprocal_length_a          ? 
_cell.reciprocal_length_b          ? 
_cell.reciprocal_length_c          ? 
_cell.reciprocal_length_a_esd      ? 
_cell.reciprocal_length_b_esd      ? 
_cell.reciprocal_length_c_esd      ? 
_cell.pdbx_unique_axis             ? 
# 
_symmetry.entry_id                         6E6N 
_symmetry.cell_setting                     ? 
_symmetry.Int_Tables_number                78 
_symmetry.space_group_name_Hall            ? 
_symmetry.space_group_name_H-M             'P 43' 
_symmetry.pdbx_full_space_group_name_H-M   ? 
# 
_exptl.absorpt_coefficient_mu     ? 
_exptl.absorpt_correction_T_max   ? 
_exptl.absorpt_correction_T_min   ? 
_exptl.absorpt_correction_type    ? 
_exptl.absorpt_process_details    ? 
_exptl.entry_id                   6E6N 
_exptl.crystals_number            1 
_exptl.details                    ? 
_exptl.method                     'X-RAY DIFFRACTION' 
_exptl.method_details             ? 
# 
_exptl_crystal.colour                      ? 
_exptl_crystal.density_diffrn              ? 
_exptl_crystal.density_Matthews            1.83 
_exptl_crystal.density_method              ? 
_exptl_crystal.density_percent_sol         32.92 
_exptl_crystal.description                 ? 
_exptl_crystal.F_000                       ? 
_exptl_crystal.id                          1 
_exptl_crystal.preparation                 ? 
_exptl_crystal.size_max                    ? 
_exptl_crystal.size_mid                    ? 
_exptl_crystal.size_min                    ? 
_exptl_crystal.size_rad                    ? 
_exptl_crystal.colour_lustre               ? 
_exptl_crystal.colour_modifier             ? 
_exptl_crystal.colour_primary              ? 
_exptl_crystal.density_meas                ? 
_exptl_crystal.density_meas_esd            ? 
_exptl_crystal.density_meas_gt             ? 
_exptl_crystal.density_meas_lt             ? 
_exptl_crystal.density_meas_temp           ? 
_exptl_crystal.density_meas_temp_esd       ? 
_exptl_crystal.density_meas_temp_gt        ? 
_exptl_crystal.density_meas_temp_lt        ? 
_exptl_crystal.pdbx_crystal_image_url      ? 
_exptl_crystal.pdbx_crystal_image_format   ? 
_exptl_crystal.pdbx_mosaicity              ? 
_exptl_crystal.pdbx_mosaicity_esd          ? 
# 
_exptl_crystal_grow.apparatus       ? 
_exptl_crystal_grow.atmosphere      ? 
_exptl_crystal_grow.crystal_id      1 
_exptl_crystal_grow.details         ? 
_exptl_crystal_grow.method          'VAPOR DIFFUSION, SITTING DROP' 
_exptl_crystal_grow.method_ref      ? 
_exptl_crystal_grow.pH              3.5 
_exptl_crystal_grow.pressure        ? 
_exptl_crystal_grow.pressure_esd    ? 
_exptl_crystal_grow.seeding         ? 
_exptl_crystal_grow.seeding_ref     ? 
_exptl_crystal_grow.temp            293 
_exptl_crystal_grow.temp_details    ? 
_exptl_crystal_grow.temp_esd        ? 
_exptl_crystal_grow.time            ? 
_exptl_crystal_grow.pdbx_details    
'0.1 M to 0.2 M (NH4)2SO4, 0.05 M Na Citrate pH 3.5 and 6% (v/v) ethanol, using 5-ul protein drops and 5 ul of reservoir solution' 
_exptl_crystal_grow.pdbx_pH_range   ? 
# 
_diffrn.ambient_environment              ? 
_diffrn.ambient_temp                     100 
_diffrn.ambient_temp_details             ? 
_diffrn.ambient_temp_esd                 ? 
_diffrn.crystal_id                       1 
_diffrn.crystal_support                  ? 
_diffrn.crystal_treatment                ? 
_diffrn.details                          ? 
_diffrn.id                               1 
_diffrn.ambient_pressure                 ? 
_diffrn.ambient_pressure_esd             ? 
_diffrn.ambient_pressure_gt              ? 
_diffrn.ambient_pressure_lt              ? 
_diffrn.ambient_temp_gt                  ? 
_diffrn.ambient_temp_lt                  ? 
_diffrn.pdbx_serial_crystal_experiment   ? 
# 
_diffrn_detector.details                      ? 
_diffrn_detector.detector                     PIXEL 
_diffrn_detector.diffrn_id                    1 
_diffrn_detector.type                         'DECTRIS PILATUS 6M' 
_diffrn_detector.area_resol_mean              ? 
_diffrn_detector.dtime                        ? 
_diffrn_detector.pdbx_frames_total            ? 
_diffrn_detector.pdbx_collection_time_total   ? 
_diffrn_detector.pdbx_collection_date         2015-02-20 
_diffrn_detector.pdbx_frequency               ? 
# 
_diffrn_radiation.collimation                      ? 
_diffrn_radiation.diffrn_id                        1 
_diffrn_radiation.filter_edge                      ? 
_diffrn_radiation.inhomogeneity                    ? 
_diffrn_radiation.monochromator                    ? 
_diffrn_radiation.polarisn_norm                    ? 
_diffrn_radiation.polarisn_ratio                   ? 
_diffrn_radiation.probe                            ? 
_diffrn_radiation.type                             ? 
_diffrn_radiation.xray_symbol                      ? 
_diffrn_radiation.wavelength_id                    1 
_diffrn_radiation.pdbx_monochromatic_or_laue_m_l   M 
_diffrn_radiation.pdbx_wavelength_list             ? 
_diffrn_radiation.pdbx_wavelength                  ? 
_diffrn_radiation.pdbx_diffrn_protocol             'SINGLE WAVELENGTH' 
_diffrn_radiation.pdbx_analyzer                    ? 
_diffrn_radiation.pdbx_scattering_type             x-ray 
# 
_diffrn_radiation_wavelength.id           1 
_diffrn_radiation_wavelength.wavelength   0.6198 
_diffrn_radiation_wavelength.wt           1.0 
# 
_diffrn_source.current                     ? 
_diffrn_source.details                     ? 
_diffrn_source.diffrn_id                   1 
_diffrn_source.power                       ? 
_diffrn_source.size                        ? 
_diffrn_source.source                      SYNCHROTRON 
_diffrn_source.target                      ? 
_diffrn_source.type                        'SLS BEAMLINE X10SA' 
_diffrn_source.voltage                     ? 
_diffrn_source.take-off_angle              ? 
_diffrn_source.pdbx_wavelength_list        0.6198 
_diffrn_source.pdbx_wavelength             ? 
_diffrn_source.pdbx_synchrotron_beamline   X10SA 
_diffrn_source.pdbx_synchrotron_site       SLS 
# 
_reflns.B_iso_Wilson_estimate            ? 
_reflns.entry_id                         6E6N 
_reflns.data_reduction_details           ? 
_reflns.data_reduction_method            ? 
_reflns.d_resolution_high                1.36 
_reflns.d_resolution_low                 39.12 
_reflns.details                          ? 
_reflns.limit_h_max                      ? 
_reflns.limit_h_min                      ? 
_reflns.limit_k_max                      ? 
_reflns.limit_k_min                      ? 
_reflns.limit_l_max                      ? 
_reflns.limit_l_min                      ? 
_reflns.number_all                       ? 
_reflns.number_obs                       85988 
_reflns.observed_criterion               ? 
_reflns.observed_criterion_F_max         ? 
_reflns.observed_criterion_F_min         ? 
_reflns.observed_criterion_I_max         ? 
_reflns.observed_criterion_I_min         ? 
_reflns.observed_criterion_sigma_F       ? 
_reflns.observed_criterion_sigma_I       ? 
_reflns.percent_possible_obs             100 
_reflns.R_free_details                   ? 
_reflns.Rmerge_F_all                     ? 
_reflns.Rmerge_F_obs                     ? 
_reflns.Friedel_coverage                 ? 
_reflns.number_gt                        ? 
_reflns.threshold_expression             ? 
_reflns.pdbx_redundancy                  13.3 
_reflns.pdbx_Rmerge_I_obs                0.0524 
_reflns.pdbx_Rmerge_I_all                ? 
_reflns.pdbx_Rsym_value                  ? 
_reflns.pdbx_netI_over_av_sigmaI         ? 
_reflns.pdbx_netI_over_sigmaI            9.41 
_reflns.pdbx_res_netI_over_av_sigmaI_2   ? 
_reflns.pdbx_res_netI_over_sigmaI_2      ? 
_reflns.pdbx_chi_squared                 ? 
_reflns.pdbx_scaling_rejects             ? 
_reflns.pdbx_d_res_high_opt              ? 
_reflns.pdbx_d_res_low_opt               ? 
_reflns.pdbx_d_res_opt_method            ? 
_reflns.phase_calculation_details        ? 
_reflns.pdbx_Rrim_I_all                  ? 
_reflns.pdbx_Rpim_I_all                  ? 
_reflns.pdbx_d_opt                       ? 
_reflns.pdbx_number_measured_all         ? 
_reflns.pdbx_diffrn_id                   1 
_reflns.pdbx_ordinal                     1 
_reflns.pdbx_CC_half                     1.00 
_reflns.pdbx_R_split                     ? 
# 
_reflns_shell.d_res_high                  1.363 
_reflns_shell.d_res_low                   1.411 
_reflns_shell.meanI_over_sigI_all         ? 
_reflns_shell.meanI_over_sigI_obs         ? 
_reflns_shell.number_measured_all         ? 
_reflns_shell.number_measured_obs         ? 
_reflns_shell.number_possible             ? 
_reflns_shell.number_unique_all           ? 
_reflns_shell.number_unique_obs           ? 
_reflns_shell.percent_possible_all        ? 
_reflns_shell.percent_possible_obs        ? 
_reflns_shell.Rmerge_F_all                ? 
_reflns_shell.Rmerge_F_obs                ? 
_reflns_shell.Rmerge_I_all                ? 
_reflns_shell.Rmerge_I_obs                0.8927 
_reflns_shell.meanI_over_sigI_gt          ? 
_reflns_shell.meanI_over_uI_all           ? 
_reflns_shell.meanI_over_uI_gt            ? 
_reflns_shell.number_measured_gt          ? 
_reflns_shell.number_unique_gt            ? 
_reflns_shell.percent_possible_gt         ? 
_reflns_shell.Rmerge_F_gt                 ? 
_reflns_shell.Rmerge_I_gt                 ? 
_reflns_shell.pdbx_redundancy             ? 
_reflns_shell.pdbx_Rsym_value             ? 
_reflns_shell.pdbx_chi_squared            ? 
_reflns_shell.pdbx_netI_over_sigmaI_all   ? 
_reflns_shell.pdbx_netI_over_sigmaI_obs   ? 
_reflns_shell.pdbx_Rrim_I_all             ? 
_reflns_shell.pdbx_Rpim_I_all             ? 
_reflns_shell.pdbx_rejects                ? 
_reflns_shell.pdbx_ordinal                1 
_reflns_shell.pdbx_diffrn_id              1 
_reflns_shell.pdbx_CC_half                0.9315 
_reflns_shell.pdbx_R_split                ? 
# 
_refine.aniso_B[1][1]                            0.60 
_refine.aniso_B[1][2]                            0.00 
_refine.aniso_B[1][3]                            0.00 
_refine.aniso_B[2][2]                            0.60 
_refine.aniso_B[2][3]                            0.00 
_refine.aniso_B[3][3]                            -1.20 
_refine.B_iso_max                                ? 
_refine.B_iso_mean                               21.775 
_refine.B_iso_min                                ? 
_refine.correlation_coeff_Fo_to_Fc               0.977 
_refine.correlation_coeff_Fo_to_Fc_free          0.967 
_refine.details                                  'HYDROGENS HAVE BEEN ADDED IN THE RIDING POSITIONS' 
_refine.diff_density_max                         ? 
_refine.diff_density_max_esd                     ? 
_refine.diff_density_min                         ? 
_refine.diff_density_min_esd                     ? 
_refine.diff_density_rms                         ? 
_refine.diff_density_rms_esd                     ? 
_refine.entry_id                                 6E6N 
_refine.pdbx_refine_id                           'X-RAY DIFFRACTION' 
_refine.ls_abs_structure_details                 ? 
_refine.ls_abs_structure_Flack                   ? 
_refine.ls_abs_structure_Flack_esd               ? 
_refine.ls_abs_structure_Rogers                  ? 
_refine.ls_abs_structure_Rogers_esd              ? 
_refine.ls_d_res_high                            1.363 
_refine.ls_d_res_low                             39.12 
_refine.ls_extinction_coef                       ? 
_refine.ls_extinction_coef_esd                   ? 
_refine.ls_extinction_expression                 ? 
_refine.ls_extinction_method                     ? 
_refine.ls_goodness_of_fit_all                   ? 
_refine.ls_goodness_of_fit_all_esd               ? 
_refine.ls_goodness_of_fit_obs                   ? 
_refine.ls_goodness_of_fit_obs_esd               ? 
_refine.ls_hydrogen_treatment                    ? 
_refine.ls_matrix_type                           ? 
_refine.ls_number_constraints                    ? 
_refine.ls_number_parameters                     ? 
_refine.ls_number_reflns_all                     ? 
_refine.ls_number_reflns_obs                     5829 
_refine.ls_number_reflns_R_free                  648 
_refine.ls_number_reflns_R_work                  ? 
_refine.ls_number_restraints                     ? 
_refine.ls_percent_reflns_obs                    99.97 
_refine.ls_percent_reflns_R_free                 10.0 
_refine.ls_R_factor_all                          ? 
_refine.ls_R_factor_obs                          0.15506 
_refine.ls_R_factor_R_free                       0.18030 
_refine.ls_R_factor_R_free_error                 ? 
_refine.ls_R_factor_R_free_error_details         ? 
_refine.ls_R_factor_R_work                       0.15218 
_refine.ls_R_Fsqd_factor_obs                     ? 
_refine.ls_R_I_factor_obs                        ? 
_refine.ls_redundancy_reflns_all                 ? 
_refine.ls_redundancy_reflns_obs                 ? 
_refine.ls_restrained_S_all                      ? 
_refine.ls_restrained_S_obs                      ? 
_refine.ls_shift_over_esd_max                    ? 
_refine.ls_shift_over_esd_mean                   ? 
_refine.ls_structure_factor_coef                 ? 
_refine.ls_weighting_details                     ? 
_refine.ls_weighting_scheme                      ? 
_refine.ls_wR_factor_all                         ? 
_refine.ls_wR_factor_obs                         ? 
_refine.ls_wR_factor_R_free                      ? 
_refine.ls_wR_factor_R_work                      ? 
_refine.occupancy_max                            ? 
_refine.occupancy_min                            ? 
_refine.solvent_model_details                    ? 
_refine.solvent_model_param_bsol                 ? 
_refine.solvent_model_param_ksol                 ? 
_refine.ls_R_factor_gt                           ? 
_refine.ls_goodness_of_fit_gt                    ? 
_refine.ls_goodness_of_fit_ref                   ? 
_refine.ls_shift_over_su_max                     ? 
_refine.ls_shift_over_su_max_lt                  ? 
_refine.ls_shift_over_su_mean                    ? 
_refine.ls_shift_over_su_mean_lt                 ? 
_refine.pdbx_ls_sigma_I                          ? 
_refine.pdbx_ls_sigma_F                          ? 
_refine.pdbx_ls_sigma_Fsqd                       ? 
_refine.pdbx_data_cutoff_high_absF               ? 
_refine.pdbx_data_cutoff_high_rms_absF           ? 
_refine.pdbx_data_cutoff_low_absF                ? 
_refine.pdbx_isotropic_thermal_model             ? 
_refine.pdbx_ls_cross_valid_method               THROUGHOUT 
_refine.pdbx_method_to_determine_struct          'AB INITIO PHASING' 
_refine.pdbx_starting_model                      ? 
_refine.pdbx_stereochemistry_target_values       ? 
_refine.pdbx_R_Free_selection_details            RANDOM 
_refine.pdbx_stereochem_target_val_spec_case     ? 
_refine.pdbx_overall_ESU_R                       0.056 
_refine.pdbx_overall_ESU_R_Free                  0.059 
_refine.pdbx_solvent_vdw_probe_radii             1.00 
_refine.pdbx_solvent_ion_probe_radii             0.80 
_refine.pdbx_solvent_shrinkage_radii             0.80 
_refine.pdbx_real_space_R                        ? 
_refine.pdbx_density_correlation                 ? 
_refine.pdbx_pd_number_of_powder_patterns        ? 
_refine.pdbx_pd_number_of_points                 ? 
_refine.pdbx_pd_meas_number_of_points            ? 
_refine.pdbx_pd_proc_ls_prof_R_factor            ? 
_refine.pdbx_pd_proc_ls_prof_wR_factor           ? 
_refine.pdbx_pd_Marquardt_correlation_coeff      ? 
_refine.pdbx_pd_Fsqrd_R_factor                   ? 
_refine.pdbx_pd_ls_matrix_band_width             ? 
_refine.pdbx_overall_phase_error                 ? 
_refine.pdbx_overall_SU_R_free_Cruickshank_DPI   ? 
_refine.pdbx_overall_SU_R_free_Blow_DPI          ? 
_refine.pdbx_overall_SU_R_Blow_DPI               ? 
_refine.pdbx_TLS_residual_ADP_flag               ? 
_refine.pdbx_diffrn_id                           1 
_refine.overall_SU_B                             2.256 
_refine.overall_SU_ML                            0.042 
_refine.overall_SU_R_Cruickshank_DPI             ? 
_refine.overall_SU_R_free                        ? 
_refine.overall_FOM_free_R_set                   ? 
_refine.overall_FOM_work_R_set                   ? 
_refine.pdbx_average_fsc_overall                 ? 
_refine.pdbx_average_fsc_work                    ? 
_refine.pdbx_average_fsc_free                    ? 
# 
_refine_hist.pdbx_refine_id                   'X-RAY DIFFRACTION' 
_refine_hist.cycle_id                         1 
_refine_hist.pdbx_number_atoms_protein        276 
_refine_hist.pdbx_number_atoms_nucleic_acid   0 
_refine_hist.pdbx_number_atoms_ligand         0 
_refine_hist.number_atoms_solvent             23 
_refine_hist.number_atoms_total               299 
_refine_hist.d_res_high                       1.363 
_refine_hist.d_res_low                        39.12 
# 
loop_
_refine_ls_restr.pdbx_refine_id 
_refine_ls_restr.criterion 
_refine_ls_restr.dev_ideal 
_refine_ls_restr.dev_ideal_target 
_refine_ls_restr.number 
_refine_ls_restr.rejects 
_refine_ls_restr.type 
_refine_ls_restr.weight 
_refine_ls_restr.pdbx_restraint_function 
'X-RAY DIFFRACTION' ? 0.018  0.020  298 ? r_bond_refined_d             ? ? 
'X-RAY DIFFRACTION' ? 0.004  0.020  249 ? r_bond_other_d               ? ? 
'X-RAY DIFFRACTION' ? 1.846  1.935  409 ? r_angle_refined_deg          ? ? 
'X-RAY DIFFRACTION' ? 1.085  3.000  583 ? r_angle_other_deg            ? ? 
'X-RAY DIFFRACTION' ? 5.516  5.000  41  ? r_dihedral_angle_1_deg       ? ? 
'X-RAY DIFFRACTION' ? 55.951 28.571 14  ? r_dihedral_angle_2_deg       ? ? 
'X-RAY DIFFRACTION' ? 13.215 15.000 46  ? r_dihedral_angle_3_deg       ? ? 
'X-RAY DIFFRACTION' ? ?      ?      ?   ? r_dihedral_angle_4_deg       ? ? 
'X-RAY DIFFRACTION' ? 0.100  0.200  43  ? r_chiral_restr               ? ? 
'X-RAY DIFFRACTION' ? 0.008  0.020  358 ? r_gen_planes_refined         ? ? 
'X-RAY DIFFRACTION' ? 0.002  0.020  58  ? r_gen_planes_other           ? ? 
'X-RAY DIFFRACTION' ? ?      ?      ?   ? r_nbd_refined                ? ? 
'X-RAY DIFFRACTION' ? ?      ?      ?   ? r_nbd_other                  ? ? 
'X-RAY DIFFRACTION' ? ?      ?      ?   ? r_nbtor_refined              ? ? 
'X-RAY DIFFRACTION' ? ?      ?      ?   ? r_nbtor_other                ? ? 
'X-RAY DIFFRACTION' ? ?      ?      ?   ? r_xyhbond_nbd_refined        ? ? 
'X-RAY DIFFRACTION' ? ?      ?      ?   ? r_xyhbond_nbd_other          ? ? 
'X-RAY DIFFRACTION' ? ?      ?      ?   ? r_metal_ion_refined          ? ? 
'X-RAY DIFFRACTION' ? ?      ?      ?   ? r_metal_ion_other            ? ? 
'X-RAY DIFFRACTION' ? ?      ?      ?   ? r_symmetry_vdw_refined       ? ? 
'X-RAY DIFFRACTION' ? ?      ?      ?   ? r_symmetry_vdw_other         ? ? 
'X-RAY DIFFRACTION' ? ?      ?      ?   ? r_symmetry_hbond_refined     ? ? 
'X-RAY DIFFRACTION' ? ?      ?      ?   ? r_symmetry_hbond_other       ? ? 
'X-RAY DIFFRACTION' ? ?      ?      ?   ? r_symmetry_metal_ion_refined ? ? 
'X-RAY DIFFRACTION' ? ?      ?      ?   ? r_symmetry_metal_ion_other   ? ? 
'X-RAY DIFFRACTION' ? 1.076  1.012  158 ? r_mcbond_it                  ? ? 
'X-RAY DIFFRACTION' ? 0.948  1.003  157 ? r_mcbond_other               ? ? 
'X-RAY DIFFRACTION' ? 1.498  1.511  198 ? r_mcangle_it                 ? ? 
'X-RAY DIFFRACTION' ? 1.536  1.518  199 ? r_mcangle_other              ? ? 
'X-RAY DIFFRACTION' ? 2.295  1.197  140 ? r_scbond_it                  ? ? 
'X-RAY DIFFRACTION' ? 2.288  1.189  139 ? r_scbond_other               ? ? 
'X-RAY DIFFRACTION' ? ?      ?      ?   ? r_scangle_it                 ? ? 
'X-RAY DIFFRACTION' ? 3.137  1.738  210 ? r_scangle_other              ? ? 
'X-RAY DIFFRACTION' ? 5.867  9.357  380 ? r_long_range_B_refined       ? ? 
'X-RAY DIFFRACTION' ? 5.832  9.011  374 ? r_long_range_B_other         ? ? 
'X-RAY DIFFRACTION' ? ?      ?      ?   ? r_rigid_bond_restr           ? ? 
'X-RAY DIFFRACTION' ? ?      ?      ?   ? r_sphericity_free            ? ? 
'X-RAY DIFFRACTION' ? ?      ?      ?   ? r_sphericity_bonded          ? ? 
# 
_refine_ls_shell.pdbx_refine_id                   'X-RAY DIFFRACTION' 
_refine_ls_shell.d_res_high                       1.363 
_refine_ls_shell.d_res_low                        1.398 
_refine_ls_shell.number_reflns_all                ? 
_refine_ls_shell.number_reflns_obs                ? 
_refine_ls_shell.number_reflns_R_free             46 
_refine_ls_shell.number_reflns_R_work             418 
_refine_ls_shell.percent_reflns_obs               99.57 
_refine_ls_shell.percent_reflns_R_free            ? 
_refine_ls_shell.R_factor_all                     ? 
_refine_ls_shell.R_factor_obs                     ? 
_refine_ls_shell.R_factor_R_free                  0.338 
_refine_ls_shell.R_factor_R_free_error            ? 
_refine_ls_shell.R_factor_R_work                  0.263 
_refine_ls_shell.redundancy_reflns_all            ? 
_refine_ls_shell.redundancy_reflns_obs            ? 
_refine_ls_shell.wR_factor_all                    ? 
_refine_ls_shell.wR_factor_obs                    ? 
_refine_ls_shell.wR_factor_R_free                 ? 
_refine_ls_shell.wR_factor_R_work                 ? 
_refine_ls_shell.pdbx_total_number_of_bins_used   20 
_refine_ls_shell.pdbx_phase_error                 ? 
_refine_ls_shell.pdbx_fsc_work                    ? 
_refine_ls_shell.pdbx_fsc_free                    ? 
# 
_struct.entry_id                     6E6N 
_struct.title                        'Pheromone from Euplotes raikovi, Er-13' 
_struct.pdbx_model_details           ? 
_struct.pdbx_formula_weight          ? 
_struct.pdbx_formula_weight_method   ? 
_struct.pdbx_model_type_details      ? 
_struct.pdbx_CASP_flag               N 
# 
_struct_keywords.entry_id        6E6N 
_struct_keywords.text            'PHEROMONE, SIGNALING PROTEIN' 
_struct_keywords.pdbx_keywords   'SIGNALING PROTEIN' 
# 
loop_
_struct_asym.id 
_struct_asym.pdbx_blank_PDB_chainid_flag 
_struct_asym.pdbx_modified 
_struct_asym.entity_id 
_struct_asym.details 
A N N 1 ? 
B N N 2 ? 
# 
_struct_ref.id                         1 
_struct_ref.db_name                    PDB 
_struct_ref.db_code                    6E6N 
_struct_ref.pdbx_db_accession          6E6N 
_struct_ref.pdbx_db_isoform            ? 
_struct_ref.entity_id                  1 
_struct_ref.pdbx_seq_one_letter_code   ? 
_struct_ref.pdbx_align_begin           1 
# 
_struct_ref_seq.align_id                      1 
_struct_ref_seq.ref_id                        1 
_struct_ref_seq.pdbx_PDB_id_code              6E6N 
_struct_ref_seq.pdbx_strand_id                A 
_struct_ref_seq.seq_align_beg                 1 
_struct_ref_seq.pdbx_seq_align_beg_ins_code   ? 
_struct_ref_seq.seq_align_end                 38 
_struct_ref_seq.pdbx_seq_align_end_ins_code   ? 
_struct_ref_seq.pdbx_db_accession             6E6N 
_struct_ref_seq.db_align_beg                  1 
_struct_ref_seq.pdbx_db_align_beg_ins_code    ? 
_struct_ref_seq.db_align_end                  38 
_struct_ref_seq.pdbx_db_align_end_ins_code    ? 
_struct_ref_seq.pdbx_auth_seq_align_beg       1 
_struct_ref_seq.pdbx_auth_seq_align_end       38 
# 
_pdbx_struct_assembly.id                   1 
_pdbx_struct_assembly.details              author_and_software_defined_assembly 
_pdbx_struct_assembly.method_details       PISA 
_pdbx_struct_assembly.oligomeric_details   monomeric 
_pdbx_struct_assembly.oligomeric_count     1 
# 
_pdbx_struct_assembly_gen.assembly_id       1 
_pdbx_struct_assembly_gen.oper_expression   1 
_pdbx_struct_assembly_gen.asym_id_list      A,B 
# 
_pdbx_struct_assembly_auth_evidence.id                     1 
_pdbx_struct_assembly_auth_evidence.assembly_id            1 
_pdbx_struct_assembly_auth_evidence.experimental_support   'mass spectrometry' 
_pdbx_struct_assembly_auth_evidence.details                ? 
# 
_pdbx_struct_oper_list.id                   1 
_pdbx_struct_oper_list.type                 'identity operation' 
_pdbx_struct_oper_list.name                 1_555 
_pdbx_struct_oper_list.symmetry_operation   x,y,z 
_pdbx_struct_oper_list.matrix[1][1]         1.0000000000 
_pdbx_struct_oper_list.matrix[1][2]         0.0000000000 
_pdbx_struct_oper_list.matrix[1][3]         0.0000000000 
_pdbx_struct_oper_list.vector[1]            0.0000000000 
_pdbx_struct_oper_list.matrix[2][1]         0.0000000000 
_pdbx_struct_oper_list.matrix[2][2]         1.0000000000 
_pdbx_struct_oper_list.matrix[2][3]         0.0000000000 
_pdbx_struct_oper_list.vector[2]            0.0000000000 
_pdbx_struct_oper_list.matrix[3][1]         0.0000000000 
_pdbx_struct_oper_list.matrix[3][2]         0.0000000000 
_pdbx_struct_oper_list.matrix[3][3]         1.0000000000 
_pdbx_struct_oper_list.vector[3]            0.0000000000 
# 
loop_
_struct_conf.conf_type_id 
_struct_conf.id 
_struct_conf.pdbx_PDB_helix_id 
_struct_conf.beg_label_comp_id 
_struct_conf.beg_label_asym_id 
_struct_conf.beg_label_seq_id 
_struct_conf.pdbx_beg_PDB_ins_code 
_struct_conf.end_label_comp_id 
_struct_conf.end_label_asym_id 
_struct_conf.end_label_seq_id 
_struct_conf.pdbx_end_PDB_ins_code 
_struct_conf.beg_auth_comp_id 
_struct_conf.beg_auth_asym_id 
_struct_conf.beg_auth_seq_id 
_struct_conf.end_auth_comp_id 
_struct_conf.end_auth_asym_id 
_struct_conf.end_auth_seq_id 
_struct_conf.pdbx_PDB_helix_class 
_struct_conf.details 
_struct_conf.pdbx_PDB_helix_length 
HELX_P HELX_P1 AA1 ASP A 1  ? GLN A 9  ? ASP A 1  GLN A 9  1 ? 9  
HELX_P HELX_P2 AA2 ASN A 12 ? ALA A 21 ? ASN A 12 ALA A 21 1 ? 10 
HELX_P HELX_P3 AA3 ASP A 23 ? CYS A 38 ? ASP A 23 CYS A 38 1 ? 16 
# 
_struct_conf_type.id          HELX_P 
_struct_conf_type.criteria    ? 
_struct_conf_type.reference   ? 
# 
loop_
_struct_conn.id 
_struct_conn.conn_type_id 
_struct_conn.pdbx_leaving_atom_flag 
_struct_conn.pdbx_PDB_id 
_struct_conn.ptnr1_label_asym_id 
_struct_conn.ptnr1_label_comp_id 
_struct_conn.ptnr1_label_seq_id 
_struct_conn.ptnr1_label_atom_id 
_struct_conn.pdbx_ptnr1_label_alt_id 
_struct_conn.pdbx_ptnr1_PDB_ins_code 
_struct_conn.pdbx_ptnr1_standard_comp_id 
_struct_conn.ptnr1_symmetry 
_struct_conn.ptnr2_label_asym_id 
_struct_conn.ptnr2_label_comp_id 
_struct_conn.ptnr2_label_seq_id 
_struct_conn.ptnr2_label_atom_id 
_struct_conn.pdbx_ptnr2_label_alt_id 
_struct_conn.pdbx_ptnr2_PDB_ins_code 
_struct_conn.ptnr1_auth_asym_id 
_struct_conn.ptnr1_auth_comp_id 
_struct_conn.ptnr1_auth_seq_id 
_struct_conn.ptnr2_auth_asym_id 
_struct_conn.ptnr2_auth_comp_id 
_struct_conn.ptnr2_auth_seq_id 
_struct_conn.ptnr2_symmetry 
_struct_conn.pdbx_ptnr3_label_atom_id 
_struct_conn.pdbx_ptnr3_label_seq_id 
_struct_conn.pdbx_ptnr3_label_comp_id 
_struct_conn.pdbx_ptnr3_label_asym_id 
_struct_conn.pdbx_ptnr3_label_alt_id 
_struct_conn.pdbx_ptnr3_PDB_ins_code 
_struct_conn.details 
_struct_conn.pdbx_dist_value 
_struct_conn.pdbx_value_order 
_struct_conn.pdbx_role 
disulf1 disulf ? ? A CYS 3  SG ? ? ? 1_555 A CYS 20 SG ? ? A CYS 3  A CYS 20 1_555 ? ? ? ? ? ? ? 2.025 ? ? 
disulf2 disulf ? ? A CYS 10 SG ? ? ? 1_555 A CYS 38 SG ? ? A CYS 10 A CYS 38 1_555 ? ? ? ? ? ? ? 2.040 ? ? 
disulf3 disulf ? ? A CYS 16 SG ? ? ? 1_555 A CYS 30 SG ? ? A CYS 16 A CYS 30 1_555 ? ? ? ? ? ? ? 2.089 ? ? 
# 
_struct_conn_type.id          disulf 
_struct_conn_type.criteria    ? 
_struct_conn_type.reference   ? 
# 
loop_
_pdbx_modification_feature.ordinal 
_pdbx_modification_feature.label_comp_id 
_pdbx_modification_feature.label_asym_id 
_pdbx_modification_feature.label_seq_id 
_pdbx_modification_feature.label_alt_id 
_pdbx_modification_feature.modified_residue_label_comp_id 
_pdbx_modification_feature.modified_residue_label_asym_id 
_pdbx_modification_feature.modified_residue_label_seq_id 
_pdbx_modification_feature.modified_residue_label_alt_id 
_pdbx_modification_feature.auth_comp_id 
_pdbx_modification_feature.auth_asym_id 
_pdbx_modification_feature.auth_seq_id 
_pdbx_modification_feature.PDB_ins_code 
_pdbx_modification_feature.symmetry 
_pdbx_modification_feature.modified_residue_auth_comp_id 
_pdbx_modification_feature.modified_residue_auth_asym_id 
_pdbx_modification_feature.modified_residue_auth_seq_id 
_pdbx_modification_feature.modified_residue_PDB_ins_code 
_pdbx_modification_feature.modified_residue_symmetry 
_pdbx_modification_feature.comp_id_linking_atom 
_pdbx_modification_feature.modified_residue_id_linking_atom 
_pdbx_modification_feature.modified_residue_id 
_pdbx_modification_feature.ref_pcm_id 
_pdbx_modification_feature.ref_comp_id 
_pdbx_modification_feature.type 
_pdbx_modification_feature.category 
1 CYS A 3  ? CYS A 20 ? CYS A 3  ? 1_555 CYS A 20 ? 1_555 SG SG . . . None 'Disulfide bridge' 
2 CYS A 10 ? CYS A 38 ? CYS A 10 ? 1_555 CYS A 38 ? 1_555 SG SG . . . None 'Disulfide bridge' 
3 CYS A 16 ? CYS A 30 ? CYS A 16 ? 1_555 CYS A 30 ? 1_555 SG SG . . . None 'Disulfide bridge' 
# 
_struct_mon_prot_cis.pdbx_id                1 
_struct_mon_prot_cis.label_comp_id          ALA 
_struct_mon_prot_cis.label_seq_id           21 
_struct_mon_prot_cis.label_asym_id          A 
_struct_mon_prot_cis.label_alt_id           . 
_struct_mon_prot_cis.pdbx_PDB_ins_code      ? 
_struct_mon_prot_cis.auth_comp_id           ALA 
_struct_mon_prot_cis.auth_seq_id            21 
_struct_mon_prot_cis.auth_asym_id           A 
_struct_mon_prot_cis.pdbx_label_comp_id_2   PRO 
_struct_mon_prot_cis.pdbx_label_seq_id_2    22 
_struct_mon_prot_cis.pdbx_label_asym_id_2   A 
_struct_mon_prot_cis.pdbx_PDB_ins_code_2    ? 
_struct_mon_prot_cis.pdbx_auth_comp_id_2    PRO 
_struct_mon_prot_cis.pdbx_auth_seq_id_2     22 
_struct_mon_prot_cis.pdbx_auth_asym_id_2    A 
_struct_mon_prot_cis.pdbx_PDB_model_num     1 
_struct_mon_prot_cis.pdbx_omega_angle       10.66 
# 
_pdbx_entry_details.entry_id                   6E6N 
_pdbx_entry_details.compound_details           ? 
_pdbx_entry_details.source_details             ? 
_pdbx_entry_details.nonpolymer_details         ? 
_pdbx_entry_details.sequence_details           ? 
_pdbx_entry_details.has_ligand_of_interest     ? 
_pdbx_entry_details.has_protein_modification   Y 
# 
_pdbx_validate_torsion.id              1 
_pdbx_validate_torsion.PDB_model_num   1 
_pdbx_validate_torsion.auth_comp_id    THR 
_pdbx_validate_torsion.auth_asym_id    A 
_pdbx_validate_torsion.auth_seq_id     11 
_pdbx_validate_torsion.PDB_ins_code    ? 
_pdbx_validate_torsion.label_alt_id    ? 
_pdbx_validate_torsion.phi             -59.80 
_pdbx_validate_torsion.psi             173.54 
# 
loop_
_pdbx_refine_tls.pdbx_refine_id 
_pdbx_refine_tls.id 
_pdbx_refine_tls.details 
_pdbx_refine_tls.method 
_pdbx_refine_tls.origin_x 
_pdbx_refine_tls.origin_y 
_pdbx_refine_tls.origin_z 
_pdbx_refine_tls.T[1][1] 
_pdbx_refine_tls.T[2][2] 
_pdbx_refine_tls.T[3][3] 
_pdbx_refine_tls.T[1][2] 
_pdbx_refine_tls.T[1][3] 
_pdbx_refine_tls.T[2][3] 
_pdbx_refine_tls.L[1][1] 
_pdbx_refine_tls.L[2][2] 
_pdbx_refine_tls.L[3][3] 
_pdbx_refine_tls.L[1][2] 
_pdbx_refine_tls.L[1][3] 
_pdbx_refine_tls.L[2][3] 
_pdbx_refine_tls.S[1][1] 
_pdbx_refine_tls.S[1][2] 
_pdbx_refine_tls.S[1][3] 
_pdbx_refine_tls.S[2][1] 
_pdbx_refine_tls.S[2][2] 
_pdbx_refine_tls.S[2][3] 
_pdbx_refine_tls.S[3][1] 
_pdbx_refine_tls.S[3][2] 
_pdbx_refine_tls.S[3][3] 
'X-RAY DIFFRACTION' 1 ? refined -0.3602 7.7107  -0.2110 0.1006 0.0600 0.0757 -0.0113 -0.0112 0.0013  4.4989 9.3808 4.1271  -1.8306 -1.9115 4.4459  0.1914  0.1134  0.4080  -0.1375 0.0003  -0.2977 -0.1797 -0.0141 -0.1917 
'X-RAY DIFFRACTION' 2 ? refined -6.0611 2.2340  2.6825  0.1285 0.0415 0.1234 -0.0079 0.0208  -0.0202 4.9759 6.6922 11.7351 2.2902  2.2985  6.7413  -0.3190 -0.0380 0.1972  0.1574  -0.2246 0.8057  -0.2168 -0.3440 0.5435  
'X-RAY DIFFRACTION' 3 ? refined -3.2367 -2.6676 -5.2639 0.1312 0.1337 0.1268 -0.0316 0.0022  -0.0668 4.8342 8.6357 8.2467  1.2455  -1.5540 -5.3917 -0.1965 0.5348  -0.3864 -0.3412 0.0352  0.2305  0.2244  -0.1390 0.1612  
'X-RAY DIFFRACTION' 4 ? refined 5.0126  -0.9711 -2.3878 0.0878 0.0440 0.0254 -0.0021 -0.0151 0.0102  5.3946 6.1719 3.0300  -3.2004 -1.6377 -0.3080 -0.0091 0.0887  0.2421  0.1060  -0.0559 -0.2285 0.1209  0.1416  0.0649  
'X-RAY DIFFRACTION' 5 ? refined -2.3162 -4.3467 6.4466  0.2559 0.0841 0.0875 -0.0217 0.0698  0.0276  6.9133 3.2749 3.9914  -1.7427 -0.4023 2.4217  -0.2396 -0.3054 -0.3439 0.4833  0.0214  0.3636  0.4479  -0.1179 0.2182  
# 
loop_
_pdbx_refine_tls_group.pdbx_refine_id 
_pdbx_refine_tls_group.id 
_pdbx_refine_tls_group.refine_tls_id 
_pdbx_refine_tls_group.beg_auth_asym_id 
_pdbx_refine_tls_group.beg_auth_seq_id 
_pdbx_refine_tls_group.beg_label_asym_id 
_pdbx_refine_tls_group.beg_label_seq_id 
_pdbx_refine_tls_group.end_auth_asym_id 
_pdbx_refine_tls_group.end_auth_seq_id 
_pdbx_refine_tls_group.end_label_asym_id 
_pdbx_refine_tls_group.end_label_seq_id 
_pdbx_refine_tls_group.selection 
_pdbx_refine_tls_group.selection_details 
'X-RAY DIFFRACTION' 1 1 A 1  ? ? A 6  ? ? ? ? 
'X-RAY DIFFRACTION' 2 2 A 7  ? ? A 12 ? ? ? ? 
'X-RAY DIFFRACTION' 3 3 A 13 ? ? A 18 ? ? ? ? 
'X-RAY DIFFRACTION' 4 4 A 19 ? ? A 32 ? ? ? ? 
'X-RAY DIFFRACTION' 5 5 A 33 ? ? A 38 ? ? ? ? 
# 
loop_
_chem_comp_atom.comp_id 
_chem_comp_atom.atom_id 
_chem_comp_atom.type_symbol 
_chem_comp_atom.pdbx_aromatic_flag 
_chem_comp_atom.pdbx_stereo_config 
_chem_comp_atom.pdbx_ordinal 
ALA N    N N N 1   
ALA CA   C N S 2   
ALA C    C N N 3   
ALA O    O N N 4   
ALA CB   C N N 5   
ALA OXT  O N N 6   
ALA H    H N N 7   
ALA H2   H N N 8   
ALA HA   H N N 9   
ALA HB1  H N N 10  
ALA HB2  H N N 11  
ALA HB3  H N N 12  
ALA HXT  H N N 13  
ASN N    N N N 14  
ASN CA   C N S 15  
ASN C    C N N 16  
ASN O    O N N 17  
ASN CB   C N N 18  
ASN CG   C N N 19  
ASN OD1  O N N 20  
ASN ND2  N N N 21  
ASN OXT  O N N 22  
ASN H    H N N 23  
ASN H2   H N N 24  
ASN HA   H N N 25  
ASN HB2  H N N 26  
ASN HB3  H N N 27  
ASN HD21 H N N 28  
ASN HD22 H N N 29  
ASN HXT  H N N 30  
ASP N    N N N 31  
ASP CA   C N S 32  
ASP C    C N N 33  
ASP O    O N N 34  
ASP CB   C N N 35  
ASP CG   C N N 36  
ASP OD1  O N N 37  
ASP OD2  O N N 38  
ASP OXT  O N N 39  
ASP H    H N N 40  
ASP H2   H N N 41  
ASP HA   H N N 42  
ASP HB2  H N N 43  
ASP HB3  H N N 44  
ASP HD2  H N N 45  
ASP HXT  H N N 46  
CYS N    N N N 47  
CYS CA   C N R 48  
CYS C    C N N 49  
CYS O    O N N 50  
CYS CB   C N N 51  
CYS SG   S N N 52  
CYS OXT  O N N 53  
CYS H    H N N 54  
CYS H2   H N N 55  
CYS HA   H N N 56  
CYS HB2  H N N 57  
CYS HB3  H N N 58  
CYS HG   H N N 59  
CYS HXT  H N N 60  
GLN N    N N N 61  
GLN CA   C N S 62  
GLN C    C N N 63  
GLN O    O N N 64  
GLN CB   C N N 65  
GLN CG   C N N 66  
GLN CD   C N N 67  
GLN OE1  O N N 68  
GLN NE2  N N N 69  
GLN OXT  O N N 70  
GLN H    H N N 71  
GLN H2   H N N 72  
GLN HA   H N N 73  
GLN HB2  H N N 74  
GLN HB3  H N N 75  
GLN HG2  H N N 76  
GLN HG3  H N N 77  
GLN HE21 H N N 78  
GLN HE22 H N N 79  
GLN HXT  H N N 80  
GLU N    N N N 81  
GLU CA   C N S 82  
GLU C    C N N 83  
GLU O    O N N 84  
GLU CB   C N N 85  
GLU CG   C N N 86  
GLU CD   C N N 87  
GLU OE1  O N N 88  
GLU OE2  O N N 89  
GLU OXT  O N N 90  
GLU H    H N N 91  
GLU H2   H N N 92  
GLU HA   H N N 93  
GLU HB2  H N N 94  
GLU HB3  H N N 95  
GLU HG2  H N N 96  
GLU HG3  H N N 97  
GLU HE2  H N N 98  
GLU HXT  H N N 99  
GLY N    N N N 100 
GLY CA   C N N 101 
GLY C    C N N 102 
GLY O    O N N 103 
GLY OXT  O N N 104 
GLY H    H N N 105 
GLY H2   H N N 106 
GLY HA2  H N N 107 
GLY HA3  H N N 108 
GLY HXT  H N N 109 
HOH O    O N N 110 
HOH H1   H N N 111 
HOH H2   H N N 112 
ILE N    N N N 113 
ILE CA   C N S 114 
ILE C    C N N 115 
ILE O    O N N 116 
ILE CB   C N S 117 
ILE CG1  C N N 118 
ILE CG2  C N N 119 
ILE CD1  C N N 120 
ILE OXT  O N N 121 
ILE H    H N N 122 
ILE H2   H N N 123 
ILE HA   H N N 124 
ILE HB   H N N 125 
ILE HG12 H N N 126 
ILE HG13 H N N 127 
ILE HG21 H N N 128 
ILE HG22 H N N 129 
ILE HG23 H N N 130 
ILE HD11 H N N 131 
ILE HD12 H N N 132 
ILE HD13 H N N 133 
ILE HXT  H N N 134 
LEU N    N N N 135 
LEU CA   C N S 136 
LEU C    C N N 137 
LEU O    O N N 138 
LEU CB   C N N 139 
LEU CG   C N N 140 
LEU CD1  C N N 141 
LEU CD2  C N N 142 
LEU OXT  O N N 143 
LEU H    H N N 144 
LEU H2   H N N 145 
LEU HA   H N N 146 
LEU HB2  H N N 147 
LEU HB3  H N N 148 
LEU HG   H N N 149 
LEU HD11 H N N 150 
LEU HD12 H N N 151 
LEU HD13 H N N 152 
LEU HD21 H N N 153 
LEU HD22 H N N 154 
LEU HD23 H N N 155 
LEU HXT  H N N 156 
MET N    N N N 157 
MET CA   C N S 158 
MET C    C N N 159 
MET O    O N N 160 
MET CB   C N N 161 
MET CG   C N N 162 
MET SD   S N N 163 
MET CE   C N N 164 
MET OXT  O N N 165 
MET H    H N N 166 
MET H2   H N N 167 
MET HA   H N N 168 
MET HB2  H N N 169 
MET HB3  H N N 170 
MET HG2  H N N 171 
MET HG3  H N N 172 
MET HE1  H N N 173 
MET HE2  H N N 174 
MET HE3  H N N 175 
MET HXT  H N N 176 
PRO N    N N N 177 
PRO CA   C N S 178 
PRO C    C N N 179 
PRO O    O N N 180 
PRO CB   C N N 181 
PRO CG   C N N 182 
PRO CD   C N N 183 
PRO OXT  O N N 184 
PRO H    H N N 185 
PRO HA   H N N 186 
PRO HB2  H N N 187 
PRO HB3  H N N 188 
PRO HG2  H N N 189 
PRO HG3  H N N 190 
PRO HD2  H N N 191 
PRO HD3  H N N 192 
PRO HXT  H N N 193 
THR N    N N N 194 
THR CA   C N S 195 
THR C    C N N 196 
THR O    O N N 197 
THR CB   C N R 198 
THR OG1  O N N 199 
THR CG2  C N N 200 
THR OXT  O N N 201 
THR H    H N N 202 
THR H2   H N N 203 
THR HA   H N N 204 
THR HB   H N N 205 
THR HG1  H N N 206 
THR HG21 H N N 207 
THR HG22 H N N 208 
THR HG23 H N N 209 
THR HXT  H N N 210 
TRP N    N N N 211 
TRP CA   C N S 212 
TRP C    C N N 213 
TRP O    O N N 214 
TRP CB   C N N 215 
TRP CG   C Y N 216 
TRP CD1  C Y N 217 
TRP CD2  C Y N 218 
TRP NE1  N Y N 219 
TRP CE2  C Y N 220 
TRP CE3  C Y N 221 
TRP CZ2  C Y N 222 
TRP CZ3  C Y N 223 
TRP CH2  C Y N 224 
TRP OXT  O N N 225 
TRP H    H N N 226 
TRP H2   H N N 227 
TRP HA   H N N 228 
TRP HB2  H N N 229 
TRP HB3  H N N 230 
TRP HD1  H N N 231 
TRP HE1  H N N 232 
TRP HE3  H N N 233 
TRP HZ2  H N N 234 
TRP HZ3  H N N 235 
TRP HH2  H N N 236 
TRP HXT  H N N 237 
TYR N    N N N 238 
TYR CA   C N S 239 
TYR C    C N N 240 
TYR O    O N N 241 
TYR CB   C N N 242 
TYR CG   C Y N 243 
TYR CD1  C Y N 244 
TYR CD2  C Y N 245 
TYR CE1  C Y N 246 
TYR CE2  C Y N 247 
TYR CZ   C Y N 248 
TYR OH   O N N 249 
TYR OXT  O N N 250 
TYR H    H N N 251 
TYR H2   H N N 252 
TYR HA   H N N 253 
TYR HB2  H N N 254 
TYR HB3  H N N 255 
TYR HD1  H N N 256 
TYR HD2  H N N 257 
TYR HE1  H N N 258 
TYR HE2  H N N 259 
TYR HH   H N N 260 
TYR HXT  H N N 261 
# 
loop_
_chem_comp_bond.comp_id 
_chem_comp_bond.atom_id_1 
_chem_comp_bond.atom_id_2 
_chem_comp_bond.value_order 
_chem_comp_bond.pdbx_aromatic_flag 
_chem_comp_bond.pdbx_stereo_config 
_chem_comp_bond.pdbx_ordinal 
ALA N   CA   sing N N 1   
ALA N   H    sing N N 2   
ALA N   H2   sing N N 3   
ALA CA  C    sing N N 4   
ALA CA  CB   sing N N 5   
ALA CA  HA   sing N N 6   
ALA C   O    doub N N 7   
ALA C   OXT  sing N N 8   
ALA CB  HB1  sing N N 9   
ALA CB  HB2  sing N N 10  
ALA CB  HB3  sing N N 11  
ALA OXT HXT  sing N N 12  
ASN N   CA   sing N N 13  
ASN N   H    sing N N 14  
ASN N   H2   sing N N 15  
ASN CA  C    sing N N 16  
ASN CA  CB   sing N N 17  
ASN CA  HA   sing N N 18  
ASN C   O    doub N N 19  
ASN C   OXT  sing N N 20  
ASN CB  CG   sing N N 21  
ASN CB  HB2  sing N N 22  
ASN CB  HB3  sing N N 23  
ASN CG  OD1  doub N N 24  
ASN CG  ND2  sing N N 25  
ASN ND2 HD21 sing N N 26  
ASN ND2 HD22 sing N N 27  
ASN OXT HXT  sing N N 28  
ASP N   CA   sing N N 29  
ASP N   H    sing N N 30  
ASP N   H2   sing N N 31  
ASP CA  C    sing N N 32  
ASP CA  CB   sing N N 33  
ASP CA  HA   sing N N 34  
ASP C   O    doub N N 35  
ASP C   OXT  sing N N 36  
ASP CB  CG   sing N N 37  
ASP CB  HB2  sing N N 38  
ASP CB  HB3  sing N N 39  
ASP CG  OD1  doub N N 40  
ASP CG  OD2  sing N N 41  
ASP OD2 HD2  sing N N 42  
ASP OXT HXT  sing N N 43  
CYS N   CA   sing N N 44  
CYS N   H    sing N N 45  
CYS N   H2   sing N N 46  
CYS CA  C    sing N N 47  
CYS CA  CB   sing N N 48  
CYS CA  HA   sing N N 49  
CYS C   O    doub N N 50  
CYS C   OXT  sing N N 51  
CYS CB  SG   sing N N 52  
CYS CB  HB2  sing N N 53  
CYS CB  HB3  sing N N 54  
CYS SG  HG   sing N N 55  
CYS OXT HXT  sing N N 56  
GLN N   CA   sing N N 57  
GLN N   H    sing N N 58  
GLN N   H2   sing N N 59  
GLN CA  C    sing N N 60  
GLN CA  CB   sing N N 61  
GLN CA  HA   sing N N 62  
GLN C   O    doub N N 63  
GLN C   OXT  sing N N 64  
GLN CB  CG   sing N N 65  
GLN CB  HB2  sing N N 66  
GLN CB  HB3  sing N N 67  
GLN CG  CD   sing N N 68  
GLN CG  HG2  sing N N 69  
GLN CG  HG3  sing N N 70  
GLN CD  OE1  doub N N 71  
GLN CD  NE2  sing N N 72  
GLN NE2 HE21 sing N N 73  
GLN NE2 HE22 sing N N 74  
GLN OXT HXT  sing N N 75  
GLU N   CA   sing N N 76  
GLU N   H    sing N N 77  
GLU N   H2   sing N N 78  
GLU CA  C    sing N N 79  
GLU CA  CB   sing N N 80  
GLU CA  HA   sing N N 81  
GLU C   O    doub N N 82  
GLU C   OXT  sing N N 83  
GLU CB  CG   sing N N 84  
GLU CB  HB2  sing N N 85  
GLU CB  HB3  sing N N 86  
GLU CG  CD   sing N N 87  
GLU CG  HG2  sing N N 88  
GLU CG  HG3  sing N N 89  
GLU CD  OE1  doub N N 90  
GLU CD  OE2  sing N N 91  
GLU OE2 HE2  sing N N 92  
GLU OXT HXT  sing N N 93  
GLY N   CA   sing N N 94  
GLY N   H    sing N N 95  
GLY N   H2   sing N N 96  
GLY CA  C    sing N N 97  
GLY CA  HA2  sing N N 98  
GLY CA  HA3  sing N N 99  
GLY C   O    doub N N 100 
GLY C   OXT  sing N N 101 
GLY OXT HXT  sing N N 102 
HOH O   H1   sing N N 103 
HOH O   H2   sing N N 104 
ILE N   CA   sing N N 105 
ILE N   H    sing N N 106 
ILE N   H2   sing N N 107 
ILE CA  C    sing N N 108 
ILE CA  CB   sing N N 109 
ILE CA  HA   sing N N 110 
ILE C   O    doub N N 111 
ILE C   OXT  sing N N 112 
ILE CB  CG1  sing N N 113 
ILE CB  CG2  sing N N 114 
ILE CB  HB   sing N N 115 
ILE CG1 CD1  sing N N 116 
ILE CG1 HG12 sing N N 117 
ILE CG1 HG13 sing N N 118 
ILE CG2 HG21 sing N N 119 
ILE CG2 HG22 sing N N 120 
ILE CG2 HG23 sing N N 121 
ILE CD1 HD11 sing N N 122 
ILE CD1 HD12 sing N N 123 
ILE CD1 HD13 sing N N 124 
ILE OXT HXT  sing N N 125 
LEU N   CA   sing N N 126 
LEU N   H    sing N N 127 
LEU N   H2   sing N N 128 
LEU CA  C    sing N N 129 
LEU CA  CB   sing N N 130 
LEU CA  HA   sing N N 131 
LEU C   O    doub N N 132 
LEU C   OXT  sing N N 133 
LEU CB  CG   sing N N 134 
LEU CB  HB2  sing N N 135 
LEU CB  HB3  sing N N 136 
LEU CG  CD1  sing N N 137 
LEU CG  CD2  sing N N 138 
LEU CG  HG   sing N N 139 
LEU CD1 HD11 sing N N 140 
LEU CD1 HD12 sing N N 141 
LEU CD1 HD13 sing N N 142 
LEU CD2 HD21 sing N N 143 
LEU CD2 HD22 sing N N 144 
LEU CD2 HD23 sing N N 145 
LEU OXT HXT  sing N N 146 
MET N   CA   sing N N 147 
MET N   H    sing N N 148 
MET N   H2   sing N N 149 
MET CA  C    sing N N 150 
MET CA  CB   sing N N 151 
MET CA  HA   sing N N 152 
MET C   O    doub N N 153 
MET C   OXT  sing N N 154 
MET CB  CG   sing N N 155 
MET CB  HB2  sing N N 156 
MET CB  HB3  sing N N 157 
MET CG  SD   sing N N 158 
MET CG  HG2  sing N N 159 
MET CG  HG3  sing N N 160 
MET SD  CE   sing N N 161 
MET CE  HE1  sing N N 162 
MET CE  HE2  sing N N 163 
MET CE  HE3  sing N N 164 
MET OXT HXT  sing N N 165 
PRO N   CA   sing N N 166 
PRO N   CD   sing N N 167 
PRO N   H    sing N N 168 
PRO CA  C    sing N N 169 
PRO CA  CB   sing N N 170 
PRO CA  HA   sing N N 171 
PRO C   O    doub N N 172 
PRO C   OXT  sing N N 173 
PRO CB  CG   sing N N 174 
PRO CB  HB2  sing N N 175 
PRO CB  HB3  sing N N 176 
PRO CG  CD   sing N N 177 
PRO CG  HG2  sing N N 178 
PRO CG  HG3  sing N N 179 
PRO CD  HD2  sing N N 180 
PRO CD  HD3  sing N N 181 
PRO OXT HXT  sing N N 182 
THR N   CA   sing N N 183 
THR N   H    sing N N 184 
THR N   H2   sing N N 185 
THR CA  C    sing N N 186 
THR CA  CB   sing N N 187 
THR CA  HA   sing N N 188 
THR C   O    doub N N 189 
THR C   OXT  sing N N 190 
THR CB  OG1  sing N N 191 
THR CB  CG2  sing N N 192 
THR CB  HB   sing N N 193 
THR OG1 HG1  sing N N 194 
THR CG2 HG21 sing N N 195 
THR CG2 HG22 sing N N 196 
THR CG2 HG23 sing N N 197 
THR OXT HXT  sing N N 198 
TRP N   CA   sing N N 199 
TRP N   H    sing N N 200 
TRP N   H2   sing N N 201 
TRP CA  C    sing N N 202 
TRP CA  CB   sing N N 203 
TRP CA  HA   sing N N 204 
TRP C   O    doub N N 205 
TRP C   OXT  sing N N 206 
TRP CB  CG   sing N N 207 
TRP CB  HB2  sing N N 208 
TRP CB  HB3  sing N N 209 
TRP CG  CD1  doub Y N 210 
TRP CG  CD2  sing Y N 211 
TRP CD1 NE1  sing Y N 212 
TRP CD1 HD1  sing N N 213 
TRP CD2 CE2  doub Y N 214 
TRP CD2 CE3  sing Y N 215 
TRP NE1 CE2  sing Y N 216 
TRP NE1 HE1  sing N N 217 
TRP CE2 CZ2  sing Y N 218 
TRP CE3 CZ3  doub Y N 219 
TRP CE3 HE3  sing N N 220 
TRP CZ2 CH2  doub Y N 221 
TRP CZ2 HZ2  sing N N 222 
TRP CZ3 CH2  sing Y N 223 
TRP CZ3 HZ3  sing N N 224 
TRP CH2 HH2  sing N N 225 
TRP OXT HXT  sing N N 226 
TYR N   CA   sing N N 227 
TYR N   H    sing N N 228 
TYR N   H2   sing N N 229 
TYR CA  C    sing N N 230 
TYR CA  CB   sing N N 231 
TYR CA  HA   sing N N 232 
TYR C   O    doub N N 233 
TYR C   OXT  sing N N 234 
TYR CB  CG   sing N N 235 
TYR CB  HB2  sing N N 236 
TYR CB  HB3  sing N N 237 
TYR CG  CD1  doub Y N 238 
TYR CG  CD2  sing Y N 239 
TYR CD1 CE1  sing Y N 240 
TYR CD1 HD1  sing N N 241 
TYR CD2 CE2  doub Y N 242 
TYR CD2 HD2  sing N N 243 
TYR CE1 CZ   doub Y N 244 
TYR CE1 HE1  sing N N 245 
TYR CE2 CZ   sing Y N 246 
TYR CE2 HE2  sing N N 247 
TYR CZ  OH   sing N N 248 
TYR OH  HH   sing N N 249 
TYR OXT HXT  sing N N 250 
# 
_atom_sites.entry_id                    6E6N 
_atom_sites.fract_transf_matrix[1][1]   0.00965886 
_atom_sites.fract_transf_matrix[1][2]   -0.00613014 
_atom_sites.fract_transf_matrix[1][3]   0.02286257 
_atom_sites.fract_transf_matrix[2][1]   -0.02354697 
_atom_sites.fract_transf_matrix[2][2]   -0.00500421 
_atom_sites.fract_transf_matrix[2][3]   0.00860623 
_atom_sites.fract_transf_matrix[3][1]   0.00485086 
_atom_sites.fract_transf_matrix[3][2]   -0.04889843 
_atom_sites.fract_transf_matrix[3][3]   -0.01516050 
_atom_sites.fract_transf_vector[1]      0.360408 
_atom_sites.fract_transf_vector[2]      0.074027 
_atom_sites.fract_transf_vector[3]      0.200750 
# 
loop_
_atom_type.symbol 
C 
N 
O 
S 
# 
loop_
_atom_site.group_PDB 
_atom_site.id 
_atom_site.type_symbol 
_atom_site.label_atom_id 
_atom_site.label_alt_id 
_atom_site.label_comp_id 
_atom_site.label_asym_id 
_atom_site.label_entity_id 
_atom_site.label_seq_id 
_atom_site.pdbx_PDB_ins_code 
_atom_site.Cartn_x 
_atom_site.Cartn_y 
_atom_site.Cartn_z 
_atom_site.occupancy 
_atom_site.B_iso_or_equiv 
_atom_site.pdbx_formal_charge 
_atom_site.auth_seq_id 
_atom_site.auth_comp_id 
_atom_site.auth_asym_id 
_atom_site.auth_atom_id 
_atom_site.pdbx_PDB_model_num 
ATOM   1   N N   . ASP A 1 1  ? 1.784  11.851 0.391   1.00 24.34 ? 1   ASP A N   1 
ATOM   2   C CA  . ASP A 1 1  ? 2.355  10.587 -0.156  1.00 22.15 ? 1   ASP A CA  1 
ATOM   3   C C   . ASP A 1 1  ? 1.167  9.724  -0.588  1.00 18.82 ? 1   ASP A C   1 
ATOM   4   O O   . ASP A 1 1  ? 0.453  9.206  0.252   1.00 17.19 ? 1   ASP A O   1 
ATOM   5   C CB  . ASP A 1 1  ? 3.260  9.910  0.858   1.00 25.23 ? 1   ASP A CB  1 
ATOM   6   C CG  . ASP A 1 1  ? 4.058  8.786  0.278   1.00 26.43 ? 1   ASP A CG  1 
ATOM   7   O OD1 . ASP A 1 1  ? 3.517  7.698  0.067   1.00 26.27 ? 1   ASP A OD1 1 
ATOM   8   O OD2 . ASP A 1 1  ? 5.258  8.948  -0.021  1.00 35.09 ? 1   ASP A OD2 1 
ATOM   9   N N   . GLU A 1 2  ? 1.061  9.486  -1.885  1.00 20.10 ? 2   GLU A N   1 
ATOM   10  C CA  . GLU A 1 2  ? -0.055 8.733  -2.412  1.00 19.27 ? 2   GLU A CA  1 
ATOM   11  C C   . GLU A 1 2  ? -0.072 7.305  -1.875  1.00 17.07 ? 2   GLU A C   1 
ATOM   12  O O   . GLU A 1 2  ? -1.134 6.750  -1.591  1.00 14.88 ? 2   GLU A O   1 
ATOM   13  C CB  . GLU A 1 2  ? 0.092  8.711  -3.942  1.00 26.08 ? 2   GLU A CB  1 
ATOM   14  C CG  . GLU A 1 2  ? -0.934 7.943  -4.694  1.00 28.36 ? 2   GLU A CG  1 
ATOM   15  C CD  . GLU A 1 2  ? -0.767 8.062  -6.216  1.00 33.89 ? 2   GLU A CD  1 
ATOM   16  O OE1 . GLU A 1 2  ? -0.056 8.984  -6.676  1.00 45.06 ? 2   GLU A OE1 1 
ATOM   17  O OE2 . GLU A 1 2  ? -1.358 7.240  -6.949  1.00 35.46 ? 2   GLU A OE2 1 
ATOM   18  N N   . CYS A 1 3  ? 1.092  6.704  -1.692  1.00 15.61 ? 3   CYS A N   1 
ATOM   19  C CA  . CYS A 1 3  ? 1.158  5.334  -1.181  1.00 14.73 ? 3   CYS A CA  1 
ATOM   20  C C   . CYS A 1 3  ? 0.775  5.263  0.296   1.00 14.44 ? 3   CYS A C   1 
ATOM   21  O O   . CYS A 1 3  ? -0.001 4.394  0.708   1.00 15.38 ? 3   CYS A O   1 
ATOM   22  C CB  . CYS A 1 3  ? 2.572  4.797  -1.412  1.00 15.65 ? 3   CYS A CB  1 
ATOM   23  S SG  . CYS A 1 3  ? 2.757  3.028  -0.994  1.00 15.96 ? 3   CYS A SG  1 
ATOM   24  N N   . ALA A 1 4  ? 1.311  6.170  1.109   1.00 14.65 ? 4   ALA A N   1 
ATOM   25  C CA  . ALA A 1 4  ? 0.937  6.224  2.531   1.00 15.22 ? 4   ALA A CA  1 
ATOM   26  C C   . ALA A 1 4  ? -0.565 6.497  2.701   1.00 14.91 ? 4   ALA A C   1 
ATOM   27  O O   . ALA A 1 4  ? -1.231 5.888  3.547   1.00 16.76 ? 4   ALA A O   1 
ATOM   28  C CB  . ALA A 1 4  ? 1.733  7.273  3.266   1.00 17.55 ? 4   ALA A CB  1 
ATOM   29  N N   . ILE A 1 5  ? -1.130 7.370  1.841   1.00 14.75 ? 5   ILE A N   1 
ATOM   30  C CA  . ILE A 1 5  ? -2.523 7.637  1.923   1.00 15.51 ? 5   ILE A CA  1 
ATOM   31  C C   . ILE A 1 5  ? -3.343 6.372  1.616   1.00 16.43 ? 5   ILE A C   1 
ATOM   32  O O   . ILE A 1 5  ? -4.291 6.038  2.326   1.00 16.60 ? 5   ILE A O   1 
ATOM   33  C CB  . ILE A 1 5  ? -2.923 8.832  0.988   1.00 14.56 ? 5   ILE A CB  1 
ATOM   34  C CG1 . ILE A 1 5  ? -2.353 10.139 1.523   1.00 16.09 ? 5   ILE A CG1 1 
ATOM   35  C CG2 . ILE A 1 5  ? -4.440 8.932  0.812   1.00 16.38 ? 5   ILE A CG2 1 
ATOM   36  C CD1 . ILE A 1 5  ? -2.380 11.248 0.496   1.00 17.69 ? 5   ILE A CD1 1 
ATOM   37  N N   . ALA A 1 6  ? -2.952 5.638  0.581   1.00 14.07 ? 6   ALA A N   1 
ATOM   38  C CA  . ALA A 1 6  ? -3.677 4.402  0.218   1.00 14.54 ? 6   ALA A CA  1 
ATOM   39  C C   . ALA A 1 6  ? -3.668 3.402  1.330   1.00 14.19 ? 6   ALA A C   1 
ATOM   40  O O   . ALA A 1 6  ? -4.677 2.805  1.662   1.00 15.68 ? 6   ALA A O   1 
ATOM   41  C CB  . ALA A 1 6  ? -3.061 3.835  -1.079  1.00 15.02 ? 6   ALA A CB  1 
ATOM   42  N N   . ALA A 1 7  ? -2.476 3.198  1.943   1.00 14.72 ? 7   ALA A N   1 
ATOM   43  C CA  . ALA A 1 7  ? -2.334 2.270  3.052   1.00 15.26 ? 7   ALA A CA  1 
ATOM   44  C C   . ALA A 1 7  ? -3.211 2.707  4.234   1.00 15.24 ? 7   ALA A C   1 
ATOM   45  O O   . ALA A 1 7  ? -3.926 1.840  4.809   1.00 17.08 ? 7   ALA A O   1 
ATOM   46  C CB  . ALA A 1 7  ? -0.877 2.120  3.472   1.00 16.32 ? 7   ALA A CB  1 
ATOM   47  N N   . GLN A 1 8  ? -3.204 3.993  4.573   1.00 17.00 ? 8   GLN A N   1 
ATOM   48  C CA  . GLN A 1 8  ? -3.850 4.442  5.789   1.00 17.24 ? 8   GLN A CA  1 
ATOM   49  C C   . GLN A 1 8  ? -5.355 4.289  5.639   1.00 19.28 ? 8   GLN A C   1 
ATOM   50  O O   . GLN A 1 8  ? -6.062 3.984  6.604   1.00 20.13 ? 8   GLN A O   1 
ATOM   51  C CB  . GLN A 1 8  ? -3.494 5.903  6.084   1.00 18.05 ? 8   GLN A CB  1 
ATOM   52  C CG  . GLN A 1 8  ? -4.186 6.428  7.318   1.00 20.07 ? 8   GLN A CG  1 
ATOM   53  C CD  . GLN A 1 8  ? -5.598 6.921  7.180   1.00 22.43 ? 8   GLN A CD  1 
ATOM   54  O OE1 . GLN A 1 8  ? -6.084 7.226  6.083   1.00 25.12 ? 8   GLN A OE1 1 
ATOM   55  N NE2 . GLN A 1 8  ? -6.254 7.065  8.326   1.00 24.66 ? 8   GLN A NE2 1 
ATOM   56  N N   . GLN A 1 9  ? -5.824 4.485  4.409   1.00 19.42 ? 9   GLN A N   1 
ATOM   57  C CA  . GLN A 1 9  ? -7.225 4.339  4.052   1.00 22.23 ? 9   GLN A CA  1 
ATOM   58  C C   . GLN A 1 9  ? -7.668 2.854  3.919   1.00 21.75 ? 9   GLN A C   1 
ATOM   59  O O   . GLN A 1 9  ? -8.835 2.602  3.675   1.00 22.97 ? 9   GLN A O   1 
ATOM   60  C CB  . GLN A 1 9  ? -7.431 5.095  2.715   1.00 26.90 ? 9   GLN A CB  1 
ATOM   61  C CG  . GLN A 1 9  ? -7.313 6.610  2.837   1.00 31.48 ? 9   GLN A CG  1 
ATOM   62  C CD  . GLN A 1 9  ? -8.505 7.210  3.524   1.00 37.12 ? 9   GLN A CD  1 
ATOM   63  O OE1 . GLN A 1 9  ? -9.629 7.070  3.034   1.00 40.88 ? 9   GLN A OE1 1 
ATOM   64  N NE2 . GLN A 1 9  ? -8.288 7.868  4.675   1.00 38.84 ? 9   GLN A NE2 1 
ATOM   65  N N   . CYS A 1 10 ? -6.777 1.890  4.150   1.00 20.01 ? 10  CYS A N   1 
ATOM   66  C CA  . CYS A 1 10 ? -7.150 0.488  4.028   1.00 20.38 ? 10  CYS A CA  1 
ATOM   67  C C   . CYS A 1 10 ? -7.685 0.123  2.656   1.00 21.49 ? 10  CYS A C   1 
ATOM   68  O O   . CYS A 1 10 ? -8.746 -0.525 2.487   1.00 22.39 ? 10  CYS A O   1 
ATOM   69  C CB  . CYS A 1 10 ? -8.052 0.049  5.195   1.00 23.54 ? 10  CYS A CB  1 
ATOM   70  S SG  . CYS A 1 10 ? -7.200 0.006  6.825   1.00 26.24 ? 10  CYS A SG  1 
ATOM   71  N N   . THR A 1 11 ? -6.951 0.580  1.653   1.00 18.94 ? 11  THR A N   1 
ATOM   72  C CA  . THR A 1 11 ? -7.158 0.118  0.277   1.00 17.77 ? 11  THR A CA  1 
ATOM   73  C C   . THR A 1 11 ? -6.949 -1.351 0.200   1.00 17.63 ? 11  THR A C   1 
ATOM   74  O O   . THR A 1 11 ? -6.604 -2.022 1.161   1.00 18.80 ? 11  THR A O   1 
ATOM   75  C CB  . THR A 1 11 ? -6.194 0.905  -0.649  1.00 17.24 ? 11  THR A CB  1 
ATOM   76  O OG1 . THR A 1 11 ? -6.573 0.745  -2.023  1.00 18.62 ? 11  THR A OG1 1 
ATOM   77  C CG2 . THR A 1 11 ? -4.736 0.403  -0.520  1.00 16.62 ? 11  THR A CG2 1 
ATOM   78  N N   . ASN A 1 12 ? -7.242 -1.904 -0.975  1.00 17.94 ? 12  ASN A N   1 
ATOM   79  C CA  . ASN A 1 12 ? -7.042 -3.320 -1.199  1.00 18.08 ? 12  ASN A CA  1 
ATOM   80  C C   . ASN A 1 12 ? -5.707 -3.534 -1.916  1.00 16.81 ? 12  ASN A C   1 
ATOM   81  O O   . ASN A 1 12 ? -4.906 -2.593 -2.141  1.00 16.00 ? 12  ASN A O   1 
ATOM   82  C CB  . ASN A 1 12 ? -8.219 -3.923 -1.943  1.00 20.76 ? 12  ASN A CB  1 
ATOM   83  C CG  . ASN A 1 12 ? -8.492 -3.307 -3.280  1.00 20.12 ? 12  ASN A CG  1 
ATOM   84  O OD1 . ASN A 1 12 ? -7.668 -2.587 -3.838  1.00 20.74 ? 12  ASN A OD1 1 
ATOM   85  N ND2 . ASN A 1 12 ? -9.714 -3.558 -3.798  1.00 23.30 ? 12  ASN A ND2 1 
ATOM   86  N N   . GLU A 1 13 ? -5.421 -4.738 -2.299  1.00 19.13 ? 13  GLU A N   1 
ATOM   87  C CA  . GLU A 1 13 ? -4.109 -5.066 -2.810  1.00 18.88 ? 13  GLU A CA  1 
ATOM   88  C C   . GLU A 1 13 ? -3.804 -4.417 -4.157  1.00 19.54 ? 13  GLU A C   1 
ATOM   89  O O   . GLU A 1 13 ? -2.715 -3.848 -4.344  1.00 19.09 ? 13  GLU A O   1 
ATOM   90  C CB  . GLU A 1 13 ? -3.945 -6.571 -2.957  1.00 20.28 ? 13  GLU A CB  1 
ATOM   91  C CG  . GLU A 1 13 ? -3.918 -7.310 -1.615  1.00 21.50 ? 13  GLU A CG  1 
ATOM   92  C CD  . GLU A 1 13 ? -5.272 -7.499 -0.936  1.00 21.97 ? 13  GLU A CD  1 
ATOM   93  O OE1 . GLU A 1 13 ? -6.346 -7.190 -1.489  1.00 23.59 ? 13  GLU A OE1 1 
ATOM   94  O OE2 . GLU A 1 13 ? -5.204 -7.917 0.219   1.00 26.68 ? 13  GLU A OE2 1 
ATOM   95  N N   . GLU A 1 14 ? -4.782 -4.397 -5.048  1.00 21.67 ? 14  GLU A N   1 
ATOM   96  C CA  . GLU A 1 14 ? -4.695 -3.643 -6.295  1.00 23.98 ? 14  GLU A CA  1 
ATOM   97  C C   . GLU A 1 14 ? -4.541 -2.145 -6.044  1.00 20.91 ? 14  GLU A C   1 
ATOM   98  O O   . GLU A 1 14 ? -3.872 -1.465 -6.812  1.00 21.56 ? 14  GLU A O   1 
ATOM   99  C CB  . GLU A 1 14 ? -5.897 -3.922 -7.183  1.00 29.76 ? 14  GLU A CB  1 
ATOM   100 C CG  . GLU A 1 14 ? -6.320 -5.395 -7.226  1.00 36.08 ? 14  GLU A CG  1 
ATOM   101 C CD  . GLU A 1 14 ? -7.501 -5.755 -6.264  1.00 39.85 ? 14  GLU A CD  1 
ATOM   102 O OE1 . GLU A 1 14 ? -7.278 -6.050 -5.026  1.00 30.99 ? 14  GLU A OE1 1 
ATOM   103 O OE2 . GLU A 1 14 ? -8.668 -5.791 -6.797  1.00 40.48 ? 14  GLU A OE2 1 
ATOM   104 N N   . GLY A 1 15 ? -5.160 -1.653 -4.981  1.00 19.48 ? 15  GLY A N   1 
ATOM   105 C CA  . GLY A 1 15 ? -5.012 -0.287 -4.645  1.00 17.83 ? 15  GLY A CA  1 
ATOM   106 C C   . GLY A 1 15 ? -3.611 0.071  -4.220  1.00 16.55 ? 15  GLY A C   1 
ATOM   107 O O   . GLY A 1 15 ? -3.097 1.122  -4.545  1.00 16.70 ? 15  GLY A O   1 
ATOM   108 N N   . CYS A 1 16 ? -2.984 -0.801 -3.437  1.00 15.18 ? 16  CYS A N   1 
ATOM   109 C CA  . CYS A 1 16 ? -1.596 -0.594 -3.112  1.00 15.02 ? 16  CYS A CA  1 
ATOM   110 C C   . CYS A 1 16 ? -0.728 -0.582 -4.364  1.00 15.66 ? 16  CYS A C   1 
ATOM   111 O O   . CYS A 1 16 ? 0.175  0.260  -4.518  1.00 15.79 ? 16  CYS A O   1 
ATOM   112 C CB  . CYS A 1 16 ? -1.026 -1.651 -2.157  1.00 15.62 ? 16  CYS A CB  1 
ATOM   113 S SG  . CYS A 1 16 ? -1.542 -1.578 -0.440  1.00 16.64 ? 16  CYS A SG  1 
ATOM   114 N N   . ASP A 1 17 ? -0.921 -1.560 -5.261  1.00 17.66 ? 17  ASP A N   1 
ATOM   115 C CA  . ASP A 1 17 ? -0.112 -1.587 -6.447  1.00 18.55 ? 17  ASP A CA  1 
ATOM   116 C C   . ASP A 1 17 ? -0.199 -0.298 -7.285  1.00 18.29 ? 17  ASP A C   1 
ATOM   117 O O   . ASP A 1 17 ? 0.826  0.253  -7.724  1.00 19.42 ? 17  ASP A O   1 
ATOM   118 C CB  . ASP A 1 17 ? -0.510 -2.784 -7.343  1.00 21.48 ? 17  ASP A CB  1 
ATOM   119 C CG  . ASP A 1 17 ? 0.353  -2.846 -8.569  1.00 26.99 ? 17  ASP A CG  1 
ATOM   120 O OD1 . ASP A 1 17 ? 1.521  -3.200 -8.441  1.00 34.18 ? 17  ASP A OD1 1 
ATOM   121 O OD2 . ASP A 1 17 ? -0.126 -2.424 -9.616  1.00 35.34 ? 17  ASP A OD2 1 
ATOM   122 N N   . ALA A 1 18 ? -1.411 0.183  -7.484  1.00 18.10 ? 18  ALA A N   1 
ATOM   123 C CA  . ALA A 1 18 ? -1.631 1.374  -8.322  1.00 19.60 ? 18  ALA A CA  1 
ATOM   124 C C   . ALA A 1 18 ? -1.129 2.625  -7.608  1.00 19.82 ? 18  ALA A C   1 
ATOM   125 O O   . ALA A 1 18 ? -0.456 3.451  -8.234  1.00 21.29 ? 18  ALA A O   1 
ATOM   126 C CB  . ALA A 1 18 ? -3.107 1.519  -8.630  1.00 19.75 ? 18  ALA A CB  1 
ATOM   127 N N   . ALA A 1 19 ? -1.366 2.736  -6.283  1.00 16.34 ? 19  ALA A N   1 
ATOM   128 C CA  . ALA A 1 19 ? -1.030 3.984  -5.578  1.00 16.77 ? 19  ALA A CA  1 
ATOM   129 C C   . ALA A 1 19 ? 0.467  4.079  -5.323  1.00 16.07 ? 19  ALA A C   1 
ATOM   130 O O   . ALA A 1 19 ? 1.001  5.188  -5.217  1.00 16.67 ? 19  ALA A O   1 
ATOM   131 C CB  . ALA A 1 19 ? -1.722 4.032  -4.271  1.00 15.86 ? 19  ALA A CB  1 
ATOM   132 N N   . CYS A 1 20 ? 1.192  2.956  -5.303  1.00 14.42 ? 20  CYS A N   1 
ATOM   133 C CA  . CYS A 1 20 ? 2.592  2.944  -4.869  1.00 15.24 ? 20  CYS A CA  1 
ATOM   134 C C   . CYS A 1 20 ? 3.575  2.738  -6.007  1.00 16.35 ? 20  CYS A C   1 
ATOM   135 O O   . CYS A 1 20 ? 4.801  2.938  -5.839  1.00 17.82 ? 20  CYS A O   1 
ATOM   136 C CB  . CYS A 1 20 ? 2.768  1.882  -3.811  1.00 14.40 ? 20  CYS A CB  1 
ATOM   137 S SG  . CYS A 1 20 ? 1.650  2.040  -2.373  1.00 14.77 ? 20  CYS A SG  1 
ATOM   138 N N   . ALA A 1 21 ? 3.056  2.366  -7.169  1.00 17.35 ? 21  ALA A N   1 
ATOM   139 C CA  . ALA A 1 21 ? 3.879  2.282  -8.390  1.00 18.96 ? 21  ALA A CA  1 
ATOM   140 C C   . ALA A 1 21 ? 4.591  3.615  -8.560  1.00 21.01 ? 21  ALA A C   1 
ATOM   141 O O   . ALA A 1 21 ? 3.976  4.657  -8.350  1.00 21.06 ? 21  ALA A O   1 
ATOM   142 C CB  . ALA A 1 21 ? 3.044  1.957  -9.588  1.00 22.22 ? 21  ALA A CB  1 
ATOM   143 N N   . PRO A 1 22 ? 5.873  3.646  -8.958  1.00 21.49 ? 22  PRO A N   1 
ATOM   144 C CA  . PRO A 1 22 ? 6.609  2.511  -9.461  1.00 21.01 ? 22  PRO A CA  1 
ATOM   145 C C   . PRO A 1 22 ? 7.566  1.939  -8.456  1.00 20.19 ? 22  PRO A C   1 
ATOM   146 O O   . PRO A 1 22 ? 8.529  1.304  -8.859  1.00 21.57 ? 22  PRO A O   1 
ATOM   147 C CB  . PRO A 1 22 ? 7.417  3.157  -10.600 1.00 23.20 ? 22  PRO A CB  1 
ATOM   148 C CG  . PRO A 1 22 ? 7.752  4.498  -10.027 1.00 24.28 ? 22  PRO A CG  1 
ATOM   149 C CD  . PRO A 1 22 ? 6.486  4.924  -9.363  1.00 23.49 ? 22  PRO A CD  1 
ATOM   150 N N   . ASP A 1 23 ? 7.317  2.118  -7.184  1.00 18.65 ? 23  ASP A N   1 
ATOM   151 C CA  . ASP A 1 23 ? 8.226  1.758  -6.140  1.00 19.41 ? 23  ASP A CA  1 
ATOM   152 C C   . ASP A 1 23 ? 7.905  0.432  -5.499  1.00 17.74 ? 23  ASP A C   1 
ATOM   153 O O   . ASP A 1 23 ? 6.925  0.338  -4.771  1.00 17.64 ? 23  ASP A O   1 
ATOM   154 C CB  . ASP A 1 23 ? 8.150  2.878  -5.130  1.00 20.94 ? 23  ASP A CB  1 
ATOM   155 C CG  . ASP A 1 23 ? 9.186  2.804  -4.131  1.00 25.97 ? 23  ASP A CG  1 
ATOM   156 O OD1 . ASP A 1 23 ? 9.779  1.747  -3.983  1.00 29.02 ? 23  ASP A OD1 1 
ATOM   157 O OD2 . ASP A 1 23 ? 9.410  3.865  -3.527  1.00 30.98 ? 23  ASP A OD2 1 
ATOM   158 N N   . PRO A 1 24 ? 8.715  -0.608 -5.770  1.00 18.61 ? 24  PRO A N   1 
ATOM   159 C CA  . PRO A 1 24 ? 8.338  -1.919 -5.164  1.00 17.89 ? 24  PRO A CA  1 
ATOM   160 C C   . PRO A 1 24 ? 8.489  -1.925 -3.664  1.00 18.29 ? 24  PRO A C   1 
ATOM   161 O O   . PRO A 1 24 ? 7.761  -2.646 -2.991  1.00 18.07 ? 24  PRO A O   1 
ATOM   162 C CB  . PRO A 1 24 ? 9.312  -2.876 -5.801  1.00 19.91 ? 24  PRO A CB  1 
ATOM   163 C CG  . PRO A 1 24 ? 9.922  -2.162 -6.966  1.00 22.43 ? 24  PRO A CG  1 
ATOM   164 C CD  . PRO A 1 24 ? 9.880  -0.718 -6.663  1.00 20.61 ? 24  PRO A CD  1 
ATOM   165 N N   . GLU A 1 25 ? 9.426  -1.137 -3.163  1.00 18.84 ? 25  GLU A N   1 
ATOM   166 C CA  . GLU A 1 25 ? 9.594  -1.028 -1.739  1.00 20.64 ? 25  GLU A CA  1 
ATOM   167 C C   . GLU A 1 25 ? 8.358  -0.428 -1.031  1.00 17.97 ? 25  GLU A C   1 
ATOM   168 O O   . GLU A 1 25 ? 7.797  -0.984 -0.038  1.00 17.42 ? 25  GLU A O   1 
ATOM   169 C CB  . GLU A 1 25 ? 10.810 -0.140 -1.561  1.00 23.72 ? 25  GLU A CB  1 
ATOM   170 C CG  . GLU A 1 25 ? 11.285 0.101  -0.205  1.00 25.41 ? 25  GLU A CG  1 
ATOM   171 C CD  . GLU A 1 25 ? 12.584 0.913  -0.269  1.00 24.88 ? 25  GLU A CD  1 
ATOM   172 O OE1 . GLU A 1 25 ? 12.436 2.168  -0.301  1.00 27.37 ? 25  GLU A OE1 1 
ATOM   173 O OE2 . GLU A 1 25 ? 13.702 0.368  -0.260  1.00 28.10 ? 25  GLU A OE2 1 
ATOM   174 N N   . ALA A 1 26 ? 7.860  0.688  -1.545  1.00 16.57 ? 26  ALA A N   1 
ATOM   175 C CA  . ALA A 1 26 ? 6.637  1.257  -0.995  1.00 16.22 ? 26  ALA A CA  1 
ATOM   176 C C   . ALA A 1 26 ? 5.432  0.373  -1.178  1.00 15.68 ? 26  ALA A C   1 
ATOM   177 O O   . ALA A 1 26 ? 4.547  0.265  -0.308  1.00 15.04 ? 26  ALA A O   1 
ATOM   178 C CB  . ALA A 1 26 ? 6.405  2.642  -1.630  1.00 17.44 ? 26  ALA A CB  1 
ATOM   179 N N   . THR A 1 27 ? 5.355  -0.284 -2.335  1.00 15.02 ? 27  THR A N   1 
ATOM   180 C CA  . THR A 1 27 ? 4.238  -1.174 -2.577  1.00 14.12 ? 27  THR A CA  1 
ATOM   181 C C   . THR A 1 27 ? 4.184  -2.289 -1.500  1.00 14.18 ? 27  THR A C   1 
ATOM   182 O O   . THR A 1 27 ? 3.147  -2.619 -0.980  1.00 14.22 ? 27  THR A O   1 
ATOM   183 C CB  . THR A 1 27 ? 4.319  -1.799 -3.995  1.00 14.91 ? 27  THR A CB  1 
ATOM   184 O OG1 . THR A 1 27 ? 4.317  -0.747 -4.970  1.00 16.61 ? 27  THR A OG1 1 
ATOM   185 C CG2 . THR A 1 27 ? 3.158  -2.748 -4.278  1.00 15.17 ? 27  THR A CG2 1 
ATOM   186 N N   A MET A 1 28 ? 5.361  -2.877 -1.273  0.60 13.57 ? 28  MET A N   1 
ATOM   187 N N   B MET A 1 28 ? 5.316  -2.925 -1.195  0.40 15.71 ? 28  MET A N   1 
ATOM   188 C CA  A MET A 1 28 ? 5.527  -3.912 -0.230  0.60 13.76 ? 28  MET A CA  1 
ATOM   189 C CA  B MET A 1 28 ? 5.239  -3.981 -0.154  0.40 16.96 ? 28  MET A CA  1 
ATOM   190 C C   A MET A 1 28 ? 5.054  -3.370 1.105   0.60 14.71 ? 28  MET A C   1 
ATOM   191 C C   B MET A 1 28 ? 5.044  -3.394 1.220   0.40 16.87 ? 28  MET A C   1 
ATOM   192 O O   A MET A 1 28 ? 4.250  -4.013 1.768   0.60 15.73 ? 28  MET A O   1 
ATOM   193 O O   B MET A 1 28 ? 4.464  -4.063 2.068   0.40 17.70 ? 28  MET A O   1 
ATOM   194 C CB  A MET A 1 28 ? 6.966  -4.375 -0.232  0.60 12.88 ? 28  MET A CB  1 
ATOM   195 C CB  B MET A 1 28 ? 6.405  -4.955 -0.152  0.40 19.34 ? 28  MET A CB  1 
ATOM   196 C CG  A MET A 1 28 ? 7.338  -5.366 0.885   0.60 13.80 ? 28  MET A CG  1 
ATOM   197 C CG  B MET A 1 28 ? 6.220  -6.140 0.831   0.40 21.25 ? 28  MET A CG  1 
ATOM   198 S SD  A MET A 1 28 ? 7.756  -4.556 2.479   0.60 14.64 ? 28  MET A SD  1 
ATOM   199 S SD  B MET A 1 28 ? 4.845  -7.398 0.784   0.40 24.39 ? 28  MET A SD  1 
ATOM   200 C CE  A MET A 1 28 ? 9.254  -3.678 2.013   0.60 16.26 ? 28  MET A CE  1 
ATOM   201 C CE  B MET A 1 28 ? 5.346  -8.214 -0.748  0.40 20.21 ? 28  MET A CE  1 
ATOM   202 N N   . GLY A 1 29 ? 5.459  -2.144 1.467   1.00 16.02 ? 29  GLY A N   1 
ATOM   203 C CA  . GLY A 1 29 ? 5.014  -1.531 2.759   1.00 17.24 ? 29  GLY A CA  1 
ATOM   204 C C   . GLY A 1 29 ? 3.515  -1.384 2.860   1.00 17.35 ? 29  GLY A C   1 
ATOM   205 O O   . GLY A 1 29 ? 2.917  -1.622 3.914   1.00 17.93 ? 29  GLY A O   1 
ATOM   206 N N   . CYS A 1 30 ? 2.919  -0.983 1.746   1.00 14.24 ? 30  CYS A N   1 
ATOM   207 C CA  . CYS A 1 30 ? 1.503  -0.825 1.723   1.00 15.15 ? 30  CYS A CA  1 
ATOM   208 C C   . CYS A 1 30 ? 0.777  -2.147 1.938   1.00 15.10 ? 30  CYS A C   1 
ATOM   209 O O   . CYS A 1 30 ? -0.152 -2.228 2.743   1.00 16.12 ? 30  CYS A O   1 
ATOM   210 C CB  . CYS A 1 30 ? 1.095  -0.172 0.424   1.00 13.37 ? 30  CYS A CB  1 
ATOM   211 S SG  . CYS A 1 30 ? -0.691 0.220  0.199   1.00 15.15 ? 30  CYS A SG  1 
ATOM   212 N N   . LEU A 1 31 ? 1.239  -3.201 1.247   1.00 15.60 ? 31  LEU A N   1 
ATOM   213 C CA  . LEU A 1 31 ? 0.647  -4.526 1.412   1.00 16.22 ? 31  LEU A CA  1 
ATOM   214 C C   . LEU A 1 31 ? 0.787  -5.076 2.836   1.00 17.74 ? 31  LEU A C   1 
ATOM   215 O O   . LEU A 1 31 ? -0.192 -5.544 3.430   1.00 19.62 ? 31  LEU A O   1 
ATOM   216 C CB  . LEU A 1 31 ? 1.263  -5.461 0.394   1.00 17.11 ? 31  LEU A CB  1 
ATOM   217 C CG  . LEU A 1 31 ? 0.897  -5.206 -1.098  1.00 16.39 ? 31  LEU A CG  1 
ATOM   218 C CD1 . LEU A 1 31 ? 1.796  -6.074 -1.968  1.00 19.17 ? 31  LEU A CD1 1 
ATOM   219 C CD2 . LEU A 1 31 ? -0.591 -5.477 -1.338  1.00 18.67 ? 31  LEU A CD2 1 
ATOM   220 N N   . MET A 1 32 ? 1.994  -4.948 3.392   1.00 17.83 ? 32  MET A N   1 
ATOM   221 C CA  A MET A 1 32 ? 2.268  -5.359 4.783   0.50 20.19 ? 32  MET A CA  1 
ATOM   222 C CA  B MET A 1 32 ? 2.270  -5.352 4.787   0.50 19.24 ? 32  MET A CA  1 
ATOM   223 C C   . MET A 1 32 ? 1.294  -4.620 5.716   1.00 19.86 ? 32  MET A C   1 
ATOM   224 O O   . MET A 1 32 ? 0.686  -5.188 6.581   1.00 23.67 ? 32  MET A O   1 
ATOM   225 C CB  A MET A 1 32 ? 3.712  -5.033 5.183   0.50 21.90 ? 32  MET A CB  1 
ATOM   226 C CB  B MET A 1 32 ? 3.712  -5.015 5.183   0.50 19.66 ? 32  MET A CB  1 
ATOM   227 C CG  A MET A 1 32 ? 4.830  -5.654 4.357   0.50 24.33 ? 32  MET A CG  1 
ATOM   228 C CG  B MET A 1 32 ? 4.809  -5.826 4.524   0.50 20.44 ? 32  MET A CG  1 
ATOM   229 S SD  A MET A 1 32 ? 5.233  -7.295 4.901   0.50 26.79 ? 32  MET A SD  1 
ATOM   230 S SD  B MET A 1 32 ? 4.863  -7.482 5.139   0.50 21.82 ? 32  MET A SD  1 
ATOM   231 C CE  A MET A 1 32 ? 4.519  -7.326 6.524   0.50 29.47 ? 32  MET A CE  1 
ATOM   232 C CE  B MET A 1 32 ? 6.147  -8.170 4.112   0.50 19.27 ? 32  MET A CE  1 
ATOM   233 N N   . TYR A 1 33 ? 1.153  -3.312 5.504   1.00 18.03 ? 33  TYR A N   1 
ATOM   234 C CA  . TYR A 1 33 ? 0.259  -2.502 6.327   1.00 17.94 ? 33  TYR A CA  1 
ATOM   235 C C   . TYR A 1 33 ? -1.157 -2.971 6.260   1.00 17.74 ? 33  TYR A C   1 
ATOM   236 O O   . TYR A 1 33 ? -1.801 -3.161 7.314   1.00 19.31 ? 33  TYR A O   1 
ATOM   237 C CB  . TYR A 1 33 ? 0.361  -1.029 5.975   1.00 16.25 ? 33  TYR A CB  1 
ATOM   238 C CG  . TYR A 1 33 ? -0.500 -0.169 6.915   1.00 16.46 ? 33  TYR A CG  1 
ATOM   239 C CD1 . TYR A 1 33 ? -0.030 0.173  8.160   1.00 16.66 ? 33  TYR A CD1 1 
ATOM   240 C CD2 . TYR A 1 33 ? -1.793 0.164  6.595   1.00 16.28 ? 33  TYR A CD2 1 
ATOM   241 C CE1 . TYR A 1 33 ? -0.822 0.862  9.077   1.00 17.44 ? 33  TYR A CE1 1 
ATOM   242 C CE2 . TYR A 1 33 ? -2.594 0.887  7.505   1.00 17.77 ? 33  TYR A CE2 1 
ATOM   243 C CZ  . TYR A 1 33 ? -2.077 1.234  8.750   1.00 17.52 ? 33  TYR A CZ  1 
ATOM   244 O OH  . TYR A 1 33 ? -2.853 1.904  9.660   1.00 19.50 ? 33  TYR A OH  1 
ATOM   245 N N   . ILE A 1 34 ? -1.705 -3.127 5.058   1.00 17.58 ? 34  ILE A N   1 
ATOM   246 C CA  . ILE A 1 34 ? -3.129 -3.497 4.958   1.00 18.74 ? 34  ILE A CA  1 
ATOM   247 C C   . ILE A 1 34 ? -3.410 -4.916 5.426   1.00 20.79 ? 34  ILE A C   1 
ATOM   248 O O   . ILE A 1 34 ? -4.457 -5.203 5.979   1.00 23.13 ? 34  ILE A O   1 
ATOM   249 C CB  . ILE A 1 34 ? -3.762 -3.242 3.571   1.00 18.76 ? 34  ILE A CB  1 
ATOM   250 C CG1 . ILE A 1 34 ? -3.193 -4.192 2.496   1.00 18.95 ? 34  ILE A CG1 1 
ATOM   251 C CG2 . ILE A 1 34 ? -3.644 -1.789 3.206   1.00 19.15 ? 34  ILE A CG2 1 
ATOM   252 C CD1 . ILE A 1 34 ? -3.934 -4.109 1.158   1.00 18.09 ? 34  ILE A CD1 1 
ATOM   253 N N   . TRP A 1 35 ? -2.442 -5.802 5.269   1.00 22.20 ? 35  TRP A N   1 
ATOM   254 C CA  . TRP A 1 35 ? -2.626 -7.160 5.720   1.00 23.59 ? 35  TRP A CA  1 
ATOM   255 C C   . TRP A 1 35 ? -2.584 -7.248 7.218   1.00 25.86 ? 35  TRP A C   1 
ATOM   256 O O   . TRP A 1 35 ? -3.263 -8.093 7.777   1.00 28.19 ? 35  TRP A O   1 
ATOM   257 C CB  . TRP A 1 35 ? -1.567 -8.032 5.107   1.00 23.24 ? 35  TRP A CB  1 
ATOM   258 C CG  . TRP A 1 35 ? -1.763 -8.230 3.617   1.00 23.52 ? 35  TRP A CG  1 
ATOM   259 C CD1 . TRP A 1 35 ? -2.882 -8.025 2.903   1.00 24.39 ? 35  TRP A CD1 1 
ATOM   260 C CD2 . TRP A 1 35 ? -0.771 -8.682 2.711   1.00 23.98 ? 35  TRP A CD2 1 
ATOM   261 N NE1 . TRP A 1 35 ? -2.652 -8.336 1.564   1.00 25.05 ? 35  TRP A NE1 1 
ATOM   262 C CE2 . TRP A 1 35 ? -1.370 -8.768 1.439   1.00 23.77 ? 35  TRP A CE2 1 
ATOM   263 C CE3 . TRP A 1 35 ? 0.564  -9.084 2.868   1.00 24.95 ? 35  TRP A CE3 1 
ATOM   264 C CZ2 . TRP A 1 35 ? -0.681 -9.181 0.319   1.00 24.66 ? 35  TRP A CZ2 1 
ATOM   265 C CZ3 . TRP A 1 35 ? 1.261  -9.524 1.727   1.00 26.98 ? 35  TRP A CZ3 1 
ATOM   266 C CH2 . TRP A 1 35 ? 0.620  -9.551 0.475   1.00 25.65 ? 35  TRP A CH2 1 
ATOM   267 N N   . ASN A 1 36 ? -1.809 -6.364 7.893   1.00 25.40 ? 36  ASN A N   1 
ATOM   268 C CA  . ASN A 1 36 ? -1.644 -6.419 9.344   1.00 28.04 ? 36  ASN A CA  1 
ATOM   269 C C   . ASN A 1 36 ? -2.650 -5.566 10.077  1.00 28.59 ? 36  ASN A C   1 
ATOM   270 O O   . ASN A 1 36 ? -3.081 -5.872 11.177  1.00 33.34 ? 36  ASN A O   1 
ATOM   271 C CB  . ASN A 1 36 ? -0.228 -6.014 9.766   1.00 30.16 ? 36  ASN A CB  1 
ATOM   272 C CG  . ASN A 1 36 ? 0.086  -6.410 11.210  1.00 39.08 ? 36  ASN A CG  1 
ATOM   273 O OD1 . ASN A 1 36 ? -0.368 -7.462 11.702  1.00 45.27 ? 36  ASN A OD1 1 
ATOM   274 N ND2 . ASN A 1 36 ? 0.822  -5.552 11.921  1.00 44.27 ? 36  ASN A ND2 1 
ATOM   275 N N   . ASN A 1 37 ? -3.007 -4.448 9.505   1.00 25.57 ? 37  ASN A N   1 
ATOM   276 C CA  . ASN A 1 37 ? -3.771 -3.428 10.197  1.00 26.18 ? 37  ASN A CA  1 
ATOM   277 C C   . ASN A 1 37 ? -5.188 -3.166 9.669   1.00 28.23 ? 37  ASN A C   1 
ATOM   278 O O   . ASN A 1 37 ? -5.901 -2.345 10.225  1.00 33.98 ? 37  ASN A O   1 
ATOM   279 C CB  . ASN A 1 37 ? -2.955 -2.122 10.230  1.00 24.21 ? 37  ASN A CB  1 
ATOM   280 C CG  . ASN A 1 37 ? -1.642 -2.299 10.978  1.00 24.73 ? 37  ASN A CG  1 
ATOM   281 O OD1 . ASN A 1 37 ? -1.621 -2.500 12.199  1.00 27.76 ? 37  ASN A OD1 1 
ATOM   282 N ND2 . ASN A 1 37 ? -0.562 -2.366 10.239  1.00 23.32 ? 37  ASN A ND2 1 
ATOM   283 N N   . CYS A 1 38 ? -5.622 -3.874 8.642   1.00 30.32 ? 38  CYS A N   1 
ATOM   284 C CA  . CYS A 1 38 ? -6.919 -3.573 7.994   1.00 30.61 ? 38  CYS A CA  1 
ATOM   285 C C   . CYS A 1 38 ? -7.735 -4.826 7.864   1.00 38.63 ? 38  CYS A C   1 
ATOM   286 O O   . CYS A 1 38 ? -8.959 -4.692 7.867   1.00 42.13 ? 38  CYS A O   1 
ATOM   287 C CB  . CYS A 1 38 ? -6.736 -2.966 6.602   1.00 29.62 ? 38  CYS A CB  1 
ATOM   288 S SG  . CYS A 1 38 ? -5.784 -1.434 6.538   1.00 25.68 ? 38  CYS A SG  1 
ATOM   289 O OXT . CYS A 1 38 ? -7.181 -5.934 7.769   1.00 41.37 ? 38  CYS A OXT 1 
HETATM 290 O O   . HOH B 2 .  ? -5.175 3.051  9.035   1.00 22.27 ? 101 HOH A O   1 
HETATM 291 O O   . HOH B 2 .  ? 3.260  6.605  -5.435  1.00 34.21 ? 102 HOH A O   1 
HETATM 292 O O   . HOH B 2 .  ? 3.428  -1.080 -7.520  1.00 23.20 ? 103 HOH A O   1 
HETATM 293 O O   . HOH B 2 .  ? -8.690 3.852  7.302   1.00 32.72 ? 104 HOH A O   1 
HETATM 294 O O   . HOH B 2 .  ? -3.466 1.239  12.252  1.00 33.17 ? 105 HOH A O   1 
HETATM 295 O O   . HOH B 2 .  ? 14.604 3.816  0.100   1.00 38.78 ? 106 HOH A O   1 
HETATM 296 O O   . HOH B 2 .  ? -8.392 -0.717 -5.770  1.00 30.44 ? 107 HOH A O   1 
HETATM 297 O O   . HOH B 2 .  ? -3.571 7.438  -2.766  1.00 21.04 ? 108 HOH A O   1 
HETATM 298 O O   . HOH B 2 .  ? -0.349 3.454  -11.029 1.00 28.83 ? 109 HOH A O   1 
HETATM 299 O O   . HOH B 2 .  ? 6.803  -5.060 -4.055  1.00 23.83 ? 110 HOH A O   1 
HETATM 300 O O   . HOH B 2 .  ? -7.682 -3.907 2.958   1.00 31.28 ? 111 HOH A O   1 
HETATM 301 O O   . HOH B 2 .  ? 1.194  5.734  -8.464  1.00 39.11 ? 112 HOH A O   1 
HETATM 302 O O   . HOH B 2 .  ? -3.867 -2.023 -9.593  1.00 34.81 ? 113 HOH A O   1 
HETATM 303 O O   . HOH B 2 .  ? -5.876 -8.303 -6.046  1.00 39.96 ? 114 HOH A O   1 
HETATM 304 O O   . HOH B 2 .  ? -4.889 3.004  -5.742  1.00 24.92 ? 115 HOH A O   1 
HETATM 305 O O   . HOH B 2 .  ? -3.791 6.971  -5.448  1.00 33.07 ? 116 HOH A O   1 
HETATM 306 O O   . HOH B 2 .  ? 5.384  5.121  -3.930  1.00 26.93 ? 117 HOH A O   1 
HETATM 307 O O   . HOH B 2 .  ? 3.980  7.741  -2.923  1.00 34.91 ? 118 HOH A O   1 
HETATM 308 O O   . HOH B 2 .  ? -9.210 -4.062 -9.293  1.00 37.42 ? 119 HOH A O   1 
HETATM 309 O O   . HOH B 2 .  ? 3.822  14.014 -0.910  1.00 31.19 ? 120 HOH A O   1 
HETATM 310 O O   . HOH B 2 .  ? -3.792 5.013  -7.254  1.00 25.86 ? 121 HOH A O   1 
HETATM 311 O O   . HOH B 2 .  ? 5.391  -0.753 -9.748  1.00 35.66 ? 122 HOH A O   1 
HETATM 312 O O   . HOH B 2 .  ? -4.641 5.124  -9.672  1.00 28.43 ? 123 HOH A O   1 
# 
loop_
_atom_site_anisotrop.id 
_atom_site_anisotrop.type_symbol 
_atom_site_anisotrop.pdbx_label_atom_id 
_atom_site_anisotrop.pdbx_label_alt_id 
_atom_site_anisotrop.pdbx_label_comp_id 
_atom_site_anisotrop.pdbx_label_asym_id 
_atom_site_anisotrop.pdbx_label_seq_id 
_atom_site_anisotrop.pdbx_PDB_ins_code 
_atom_site_anisotrop.U[1][1] 
_atom_site_anisotrop.U[2][2] 
_atom_site_anisotrop.U[3][3] 
_atom_site_anisotrop.U[1][2] 
_atom_site_anisotrop.U[1][3] 
_atom_site_anisotrop.U[2][3] 
_atom_site_anisotrop.pdbx_auth_seq_id 
_atom_site_anisotrop.pdbx_auth_comp_id 
_atom_site_anisotrop.pdbx_auth_asym_id 
_atom_site_anisotrop.pdbx_auth_atom_id 
1   N N   . ASP A 1  ? 0.3120 0.2368 0.3760 -0.0296 0.0354  -0.0175 1  ASP A N   
2   C CA  . ASP A 1  ? 0.2814 0.2210 0.3391 -0.0290 0.0292  -0.0173 1  ASP A CA  
3   C C   . ASP A 1  ? 0.2537 0.1943 0.2670 -0.0184 0.0165  -0.0007 1  ASP A C   
4   O O   . ASP A 1  ? 0.2335 0.1836 0.2361 -0.0163 -0.0002 -0.0045 1  ASP A O   
5   C CB  . ASP A 1  ? 0.3030 0.2673 0.3883 -0.0312 0.0078  -0.0419 1  ASP A CB  
6   C CG  . ASP A 1  ? 0.3109 0.2884 0.4048 -0.0297 0.0047  -0.0460 1  ASP A CG  
7   O OD1 . ASP A 1  ? 0.3202 0.2981 0.3796 -0.0228 -0.0066 -0.0346 1  ASP A OD1 
8   O OD2 . ASP A 1  ? 0.4005 0.3891 0.5434 -0.0366 0.0167  -0.0642 1  ASP A OD2 
9   N N   . GLU A 2  ? 0.2817 0.2114 0.2705 -0.0128 0.0265  0.0132  2  GLU A N   
10  C CA  . GLU A 2  ? 0.2799 0.2156 0.2366 -0.0019 0.0120  0.0211  2  GLU A CA  
11  C C   . GLU A 2  ? 0.2434 0.2008 0.2043 -0.0061 -0.0036 0.0107  2  GLU A C   
12  O O   . GLU A 2  ? 0.2152 0.1814 0.1687 -0.0037 -0.0145 0.0082  2  GLU A O   
13  C CB  . GLU A 2  ? 0.3845 0.3005 0.3056 0.0071  0.0241  0.0339  2  GLU A CB  
14  C CG  . GLU A 2  ? 0.4209 0.3459 0.3109 0.0209  0.0054  0.0352  2  GLU A CG  
15  C CD  . GLU A 2  ? 0.5184 0.4143 0.3549 0.0349  0.0155  0.0475  2  GLU A CD  
16  O OE1 . GLU A 2  ? 0.6794 0.5365 0.4960 0.0345  0.0433  0.0608  2  GLU A OE1 
17  O OE2 . GLU A 2  ? 0.5431 0.4502 0.3540 0.0462  -0.0019 0.0420  2  GLU A OE2 
18  N N   . CYS A 3  ? 0.2175 0.1809 0.1948 -0.0119 -0.0028 0.0021  3  CYS A N   
19  C CA  . CYS A 3  ? 0.2047 0.1764 0.1787 -0.0117 -0.0171 -0.0050 3  CYS A CA  
20  C C   . CYS A 3  ? 0.2053 0.1711 0.1724 -0.0120 -0.0287 -0.0097 3  CYS A C   
21  O O   . CYS A 3  ? 0.2267 0.1847 0.1731 -0.0121 -0.0317 -0.0085 3  CYS A O   
22  C CB  . CYS A 3  ? 0.2060 0.1845 0.2040 -0.0125 -0.0159 -0.0152 3  CYS A CB  
23  S SG  . CYS A 3  ? 0.2134 0.1908 0.2020 -0.0064 -0.0330 -0.0212 3  CYS A SG  
24  N N   . ALA A 4  ? 0.2035 0.1679 0.1849 -0.0130 -0.0316 -0.0175 4  ALA A N   
25  C CA  . ALA A 4  ? 0.2221 0.1738 0.1823 -0.0111 -0.0415 -0.0231 4  ALA A CA  
26  C C   . ALA A 4  ? 0.2259 0.1708 0.1699 -0.0150 -0.0300 -0.0161 4  ALA A C   
27  O O   . ALA A 4  ? 0.2647 0.1925 0.1796 -0.0161 -0.0278 -0.0169 4  ALA A O   
28  C CB  . ALA A 4  ? 0.2428 0.1985 0.2257 -0.0110 -0.0482 -0.0387 4  ALA A CB  
29  N N   . ILE A 5  ? 0.2146 0.1689 0.1770 -0.0155 -0.0206 -0.0105 5  ILE A N   
30  C CA  . ILE A 5  ? 0.2237 0.1797 0.1861 -0.0155 -0.0145 -0.0104 5  ILE A CA  
31  C C   . ILE A 5  ? 0.2355 0.1973 0.1916 -0.0175 -0.0134 -0.0123 5  ILE A C   
32  O O   . ILE A 5  ? 0.2395 0.1966 0.1945 -0.0236 -0.0036 -0.0203 5  ILE A O   
33  C CB  . ILE A 5  ? 0.2053 0.1645 0.1837 -0.0075 -0.0112 -0.0038 5  ILE A CB  
34  C CG1 . ILE A 5  ? 0.2242 0.1712 0.2157 -0.0096 -0.0043 -0.0060 5  ILE A CG1 
35  C CG2 . ILE A 5  ? 0.2206 0.1912 0.2106 -0.0012 -0.0128 -0.0089 5  ILE A CG2 
36  C CD1 . ILE A 5  ? 0.2479 0.1804 0.2441 -0.0006 0.0042  0.0061  5  ILE A CD1 
37  N N   . ALA A 6  ? 0.2033 0.1730 0.1583 -0.0145 -0.0188 -0.0086 6  ALA A N   
38  C CA  . ALA A 6  ? 0.2064 0.1828 0.1633 -0.0179 -0.0174 -0.0158 6  ALA A CA  
39  C C   . ALA A 6  ? 0.2163 0.1685 0.1545 -0.0268 -0.0076 -0.0183 6  ALA A C   
40  O O   . ALA A 6  ? 0.2344 0.1820 0.1792 -0.0354 0.0068  -0.0278 6  ALA A O   
41  C CB  . ALA A 6  ? 0.2108 0.1961 0.1639 -0.0124 -0.0247 -0.0131 6  ALA A CB  
42  N N   . ALA A 7  ? 0.2459 0.1547 0.1588 -0.0356 -0.0026 0.0051  7  ALA A N   
43  C CA  . ALA A 7  ? 0.2498 0.1640 0.1658 -0.0190 0.0127  0.0010  7  ALA A CA  
44  C C   . ALA A 7  ? 0.2560 0.1485 0.1743 -0.0102 0.0218  -0.0013 7  ALA A C   
45  O O   . ALA A 7  ? 0.2810 0.1661 0.2020 -0.0063 0.0391  -0.0041 7  ALA A O   
46  C CB  . ALA A 7  ? 0.2611 0.1991 0.1600 -0.0169 0.0097  -0.0059 7  ALA A CB  
47  N N   . GLN A 8  ? 0.2844 0.1643 0.1970 -0.0121 0.0125  -0.0041 8  GLN A N   
48  C CA  . GLN A 8  ? 0.2896 0.1600 0.2055 -0.0033 0.0226  -0.0149 8  GLN A CA  
49  C C   . GLN A 8  ? 0.2989 0.1798 0.2538 0.0038  0.0295  -0.0300 8  GLN A C   
50  O O   . GLN A 8  ? 0.3031 0.1958 0.2659 0.0031  0.0522  -0.0452 8  GLN A O   
51  C CB  . GLN A 8  ? 0.3118 0.1605 0.2135 -0.0051 0.0071  -0.0196 8  GLN A CB  
52  C CG  . GLN A 8  ? 0.3356 0.1812 0.2456 0.0061  0.0173  -0.0388 8  GLN A CG  
53  C CD  . GLN A 8  ? 0.3507 0.1993 0.3021 0.0230  0.0118  -0.0620 8  GLN A CD  
54  O OE1 . GLN A 8  ? 0.3833 0.2194 0.3518 0.0318  -0.0122 -0.0614 8  GLN A OE1 
55  N NE2 . GLN A 8  ? 0.3672 0.2361 0.3336 0.0291  0.0310  -0.0882 8  GLN A NE2 
56  N N   . GLN A 9  ? 0.2933 0.1752 0.2694 0.0071  0.0099  -0.0298 9  GLN A N   
57  C CA  . GLN A 9  ? 0.3044 0.2119 0.3282 0.0175  0.0087  -0.0518 9  GLN A CA  
58  C C   . GLN A 9  ? 0.2840 0.2195 0.3229 0.0029  0.0355  -0.0549 9  GLN A C   
59  O O   . GLN A 9  ? 0.2726 0.2439 0.3562 0.0039  0.0405  -0.0800 9  GLN A O   
60  C CB  . GLN A 9  ? 0.3707 0.2563 0.3949 0.0285  -0.0317 -0.0473 9  GLN A CB  
61  C CG  . GLN A 9  ? 0.4537 0.2882 0.4542 0.0430  -0.0633 -0.0486 9  GLN A CG  
62  C CD  . GLN A 9  ? 0.5024 0.3562 0.5520 0.0743  -0.0707 -0.0877 9  GLN A CD  
63  O OE1 . GLN A 9  ? 0.5220 0.4105 0.6207 0.0954  -0.0853 -0.1141 9  GLN A OE1 
64  N NE2 . GLN A 9  ? 0.5299 0.3732 0.5729 0.0784  -0.0610 -0.0997 9  GLN A NE2 
65  N N   . CYS A 10 ? 0.2804 0.1982 0.2817 -0.0098 0.0508  -0.0354 10 CYS A N   
66  C CA  . CYS A 10 ? 0.2855 0.2040 0.2850 -0.0249 0.0721  -0.0368 10 CYS A CA  
67  C C   . CYS A 10 ? 0.2801 0.2223 0.3139 -0.0267 0.0605  -0.0435 10 CYS A C   
68  O O   . CYS A 10 ? 0.2732 0.2402 0.3375 -0.0397 0.0762  -0.0637 10 CYS A O   
69  C CB  . CYS A 10 ? 0.3259 0.2472 0.3213 -0.0434 0.1064  -0.0543 10 CYS A CB  
70  S SG  . CYS A 10 ? 0.4009 0.2738 0.3226 -0.0473 0.1206  -0.0384 10 CYS A SG  
71  N N   . THR A 11 ? 0.2519 0.1906 0.2773 -0.0191 0.0341  -0.0300 11 THR A N   
72  C CA  . THR A 11 ? 0.2269 0.1817 0.2666 -0.0238 0.0217  -0.0319 11 THR A CA  
73  C C   . THR A 11 ? 0.2303 0.1786 0.2610 -0.0352 0.0416  -0.0324 11 THR A C   
74  O O   . THR A 11 ? 0.2640 0.1827 0.2675 -0.0376 0.0598  -0.0276 11 THR A O   
75  C CB  . THR A 11 ? 0.2337 0.1779 0.2434 -0.0253 -0.0044 -0.0159 11 THR A CB  
76  O OG1 . THR A 11 ? 0.2452 0.2022 0.2600 -0.0310 -0.0216 -0.0188 11 THR A OG1 
77  C CG2 . THR A 11 ? 0.2362 0.1795 0.2160 -0.0323 0.0051  -0.0073 11 THR A CG2 
78  N N   . ASN A 12 ? 0.2228 0.1894 0.2694 -0.0417 0.0347  -0.0400 12 ASN A N   
79  C CA  . ASN A 12 ? 0.2330 0.1845 0.2693 -0.0511 0.0494  -0.0444 12 ASN A CA  
80  C C   . ASN A 12 ? 0.2236 0.1769 0.2383 -0.0437 0.0364  -0.0389 12 ASN A C   
81  O O   . ASN A 12 ? 0.2121 0.1807 0.2151 -0.0407 0.0223  -0.0307 12 ASN A O   
82  C CB  . ASN A 12 ? 0.2465 0.2242 0.3179 -0.0664 0.0547  -0.0656 12 ASN A CB  
83  C CG  . ASN A 12 ? 0.2180 0.2352 0.3112 -0.0619 0.0267  -0.0712 12 ASN A CG  
84  O OD1 . ASN A 12 ? 0.2352 0.2495 0.3034 -0.0554 0.0063  -0.0563 12 ASN A OD1 
85  N ND2 . ASN A 12 ? 0.2320 0.2866 0.3665 -0.0696 0.0248  -0.0959 12 ASN A ND2 
86  N N   . GLU A 13 ? 0.2276 0.2096 0.2896 -0.0344 0.0233  -0.0587 13 GLU A N   
87  C CA  . GLU A 13 ? 0.2349 0.2041 0.2783 -0.0321 0.0245  -0.0664 13 GLU A CA  
88  C C   . GLU A 13 ? 0.2459 0.2273 0.2691 -0.0346 0.0150  -0.0742 13 GLU A C   
89  O O   . GLU A 13 ? 0.2435 0.2283 0.2535 -0.0277 0.0164  -0.0679 13 GLU A O   
90  C CB  . GLU A 13 ? 0.2587 0.2033 0.3085 -0.0366 0.0352  -0.0770 13 GLU A CB  
91  C CG  . GLU A 13 ? 0.2731 0.2028 0.3410 -0.0317 0.0469  -0.0637 13 GLU A CG  
92  C CD  . GLU A 13 ? 0.2697 0.2055 0.3592 -0.0412 0.0478  -0.0576 13 GLU A CD  
93  O OE1 . GLU A 13 ? 0.2783 0.2363 0.3816 -0.0529 0.0381  -0.0604 13 GLU A OE1 
94  O OE2 . GLU A 13 ? 0.3313 0.2553 0.4269 -0.0359 0.0589  -0.0434 13 GLU A OE2 
95  N N   . GLU A 14 ? 0.2687 0.2632 0.2914 -0.0470 0.0024  -0.0818 14 GLU A N   
96  C CA  . GLU A 14 ? 0.3015 0.3102 0.2994 -0.0508 -0.0100 -0.0841 14 GLU A CA  
97  C C   . GLU A 14 ? 0.2577 0.2811 0.2560 -0.0386 -0.0135 -0.0659 14 GLU A C   
98  O O   . GLU A 14 ? 0.2722 0.2993 0.2476 -0.0371 -0.0166 -0.0632 14 GLU A O   
99  C CB  . GLU A 14 ? 0.3692 0.3943 0.3673 -0.0721 -0.0308 -0.0889 14 GLU A CB  
100 C CG  . GLU A 14 ? 0.4590 0.4573 0.4547 -0.0933 -0.0312 -0.1062 14 GLU A CG  
101 C CD  . GLU A 14 ? 0.4811 0.5013 0.5318 -0.1018 -0.0351 -0.0910 14 GLU A CD  
102 O OE1 . GLU A 14 ? 0.3653 0.3733 0.4387 -0.0871 -0.0146 -0.0845 14 GLU A OE1 
103 O OE2 . GLU A 14 ? 0.4709 0.5248 0.5424 -0.1261 -0.0602 -0.0817 14 GLU A OE2 
104 N N   . GLY A 15 ? 0.2331 0.2563 0.2509 -0.0299 -0.0092 -0.0533 15 GLY A N   
105 C CA  . GLY A 15 ? 0.2204 0.2333 0.2239 -0.0187 -0.0076 -0.0397 15 GLY A CA  
106 C C   . GLY A 15 ? 0.2210 0.2102 0.1977 -0.0207 -0.0056 -0.0387 15 GLY A C   
107 O O   . GLY A 15 ? 0.2324 0.2136 0.1885 -0.0220 -0.0110 -0.0304 15 GLY A O   
108 N N   . CYS A 16 ? 0.2051 0.1855 0.1861 -0.0236 0.0004  -0.0414 16 CYS A N   
109 C CA  . CYS A 16 ? 0.2085 0.1841 0.1780 -0.0297 -0.0034 -0.0317 16 CYS A CA  
110 C C   . CYS A 16 ? 0.2068 0.2074 0.1810 -0.0311 -0.0040 -0.0297 16 CYS A C   
111 O O   . CYS A 16 ? 0.2093 0.2155 0.1753 -0.0387 -0.0110 -0.0147 16 CYS A O   
112 C CB  . CYS A 16 ? 0.2122 0.1856 0.1956 -0.0300 0.0015  -0.0265 16 CYS A CB  
113 S SG  . CYS A 16 ? 0.2448 0.1828 0.2045 -0.0322 0.0029  -0.0212 16 CYS A SG  
114 N N   . ASP A 17 ? 0.2264 0.2367 0.2080 -0.0263 0.0054  -0.0437 17 ASP A N   
115 C CA  . ASP A 17 ? 0.2358 0.2604 0.2085 -0.0239 0.0135  -0.0429 17 ASP A CA  
116 C C   . ASP A 17 ? 0.2363 0.2706 0.1881 -0.0295 0.0025  -0.0351 17 ASP A C   
117 O O   . ASP A 17 ? 0.2459 0.2955 0.1963 -0.0308 0.0064  -0.0189 17 ASP A O   
118 C CB  . ASP A 17 ? 0.2831 0.2929 0.2403 -0.0212 0.0264  -0.0660 17 ASP A CB  
119 C CG  . ASP A 17 ? 0.3602 0.3727 0.2924 -0.0147 0.0439  -0.0667 17 ASP A CG  
120 O OD1 . ASP A 17 ? 0.4419 0.4632 0.3936 -0.0006 0.0658  -0.0525 17 ASP A OD1 
121 O OD2 . ASP A 17 ? 0.4783 0.4901 0.3742 -0.0228 0.0357  -0.0751 17 ASP A OD2 
122 N N   . ALA A 18 ? 0.2383 0.2685 0.1809 -0.0318 -0.0101 -0.0403 18 ALA A N   
123 C CA  . ALA A 18 ? 0.2609 0.2985 0.1852 -0.0338 -0.0205 -0.0286 18 ALA A CA  
124 C C   . ALA A 18 ? 0.2706 0.2907 0.1919 -0.0361 -0.0245 -0.0101 18 ALA A C   
125 O O   . ALA A 18 ? 0.2922 0.3163 0.2005 -0.0418 -0.0267 0.0047  18 ALA A O   
126 C CB  . ALA A 18 ? 0.2585 0.3047 0.1872 -0.0328 -0.0335 -0.0298 18 ALA A CB  
127 N N   . ALA A 19 ? 0.2143 0.2298 0.1769 0.0200  -0.0161 0.0341  19 ALA A N   
128 C CA  . ALA A 19 ? 0.2205 0.2203 0.1964 0.0192  -0.0034 0.0441  19 ALA A CA  
129 C C   . ALA A 19 ? 0.2170 0.2014 0.1923 0.0140  0.0028  0.0456  19 ALA A C   
130 O O   . ALA A 19 ? 0.2225 0.1966 0.2143 0.0147  0.0125  0.0546  19 ALA A O   
131 C CB  . ALA A 19 ? 0.2088 0.1979 0.1958 0.0110  -0.0006 0.0359  19 ALA A CB  
132 N N   . CYS A 20 ? 0.2002 0.1844 0.1634 0.0094  -0.0021 0.0373  20 CYS A N   
133 C CA  . CYS A 20 ? 0.2110 0.1862 0.1819 0.0042  0.0009  0.0370  20 CYS A CA  
134 C C   . CYS A 20 ? 0.2234 0.2065 0.1912 0.0125  0.0079  0.0480  20 CYS A C   
135 O O   . CYS A 20 ? 0.2358 0.2174 0.2238 0.0096  0.0135  0.0522  20 CYS A O   
136 C CB  . CYS A 20 ? 0.2063 0.1737 0.1673 -0.0031 -0.0063 0.0231  20 CYS A CB  
137 S SG  . CYS A 20 ? 0.2166 0.1708 0.1737 -0.0072 -0.0073 0.0138  20 CYS A SG  
138 N N   . ALA A 21 ? 0.2406 0.2338 0.1851 0.0248  0.0074  0.0522  21 ALA A N   
139 C CA  . ALA A 21 ? 0.2637 0.2622 0.1946 0.0400  0.0186  0.0656  21 ALA A CA  
140 C C   . ALA A 21 ? 0.2808 0.2759 0.2415 0.0435  0.0377  0.0875  21 ALA A C   
141 O O   . ALA A 21 ? 0.2777 0.2689 0.2535 0.0428  0.0408  0.0940  21 ALA A O   
142 C CB  . ALA A 21 ? 0.3135 0.3229 0.2080 0.0575  0.0122  0.0651  21 ALA A CB  
143 N N   . PRO A 22 ? 0.2816 0.2770 0.2580 0.0478  0.0540  0.1004  22 PRO A N   
144 C CA  . PRO A 22 ? 0.2810 0.2806 0.2366 0.0554  0.0564  0.0978  22 PRO A CA  
145 C C   . PRO A 22 ? 0.2610 0.2607 0.2453 0.0404  0.0505  0.0868  22 PRO A C   
146 O O   . PRO A 22 ? 0.2768 0.2808 0.2620 0.0479  0.0602  0.0921  22 PRO A O   
147 C CB  . PRO A 22 ? 0.3061 0.3078 0.2676 0.0749  0.0856  0.1269  22 PRO A CB  
148 C CG  . PRO A 22 ? 0.3018 0.2990 0.3219 0.0623  0.0968  0.1390  22 PRO A CG  
149 C CD  . PRO A 22 ? 0.2962 0.2879 0.3084 0.0531  0.0783  0.1253  22 PRO A CD  
150 N N   . ASP A 23 ? 0.2365 0.2323 0.2398 0.0234  0.0351  0.0722  23 ASP A N   
151 C CA  . ASP A 23 ? 0.2366 0.2350 0.2657 0.0129  0.0259  0.0622  23 ASP A CA  
152 C C   . ASP A 23 ? 0.2277 0.2208 0.2254 0.0118  0.0119  0.0463  23 ASP A C   
153 O O   . ASP A 23 ? 0.2350 0.2189 0.2163 0.0058  0.0014  0.0350  23 ASP A O   
154 C CB  . ASP A 23 ? 0.2466 0.2403 0.3088 -0.0005 0.0178  0.0550  23 ASP A CB  
155 C CG  . ASP A 23 ? 0.2972 0.2980 0.3916 -0.0088 0.0050  0.0439  23 ASP A CG  
156 O OD1 . ASP A 23 ? 0.3361 0.3450 0.4215 -0.0041 -0.0001 0.0414  23 ASP A OD1 
157 O OD2 . ASP A 23 ? 0.3492 0.3473 0.4806 -0.0190 -0.0005 0.0369  23 ASP A OD2 
158 N N   . PRO A 24 ? 0.2396 0.2362 0.2311 0.0193  0.0157  0.0477  24 PRO A N   
159 C CA  . PRO A 24 ? 0.2438 0.2292 0.2066 0.0195  0.0066  0.0348  24 PRO A CA  
160 C C   . PRO A 24 ? 0.2466 0.2300 0.2182 0.0131  -0.0073 0.0265  24 PRO A C   
161 O O   . PRO A 24 ? 0.2568 0.2261 0.2037 0.0127  -0.0116 0.0189  24 PRO A O   
162 C CB  . PRO A 24 ? 0.2700 0.2577 0.2287 0.0315  0.0168  0.0401  24 PRO A CB  
163 C CG  . PRO A 24 ? 0.2932 0.2924 0.2664 0.0402  0.0338  0.0562  24 PRO A CG  
164 C CD  . PRO A 24 ? 0.2558 0.2631 0.2642 0.0303  0.0327  0.0626  24 PRO A CD  
165 N N   . GLU A 25 ? 0.2369 0.2340 0.2447 0.0098  -0.0136 0.0278  25 GLU A N   
166 C CA  . GLU A 25 ? 0.2595 0.2560 0.2688 0.0076  -0.0316 0.0163  25 GLU A CA  
167 C C   . GLU A 25 ? 0.2385 0.2183 0.2259 0.0019  -0.0366 0.0068  25 GLU A C   
168 O O   . GLU A 25 ? 0.2469 0.2131 0.2020 0.0067  -0.0419 0.0005  25 GLU A O   
169 C CB  . GLU A 25 ? 0.2735 0.2912 0.3365 0.0029  -0.0400 0.0151  25 GLU A CB  
170 C CG  . GLU A 25 ? 0.2899 0.3141 0.3616 0.0027  -0.0649 -0.0010 25 GLU A CG  
171 C CD  . GLU A 25 ? 0.2505 0.3015 0.3935 -0.0047 -0.0736 -0.0038 25 GLU A CD  
172 O OE1 . GLU A 25 ? 0.2724 0.3193 0.4481 -0.0178 -0.0740 -0.0104 25 GLU A OE1 
173 O OE2 . GLU A 25 ? 0.2733 0.3485 0.4462 0.0017  -0.0791 0.0002  25 GLU A OE2 
174 N N   . ALA A 26 ? 0.2159 0.1944 0.2190 -0.0055 -0.0308 0.0090  26 ALA A N   
175 C CA  . ALA A 26 ? 0.2226 0.1859 0.2077 -0.0085 -0.0317 0.0024  26 ALA A CA  
176 C C   . ALA A 26 ? 0.2295 0.1836 0.1827 -0.0054 -0.0241 0.0046  26 ALA A C   
177 O O   . ALA A 26 ? 0.2321 0.1734 0.1658 -0.0042 -0.0241 -0.0007 26 ALA A O   
178 C CB  . ALA A 26 ? 0.2288 0.1922 0.2419 -0.0142 -0.0240 0.0077  26 ALA A CB  
179 N N   . THR A 27 ? 0.2203 0.1804 0.1702 -0.0033 -0.0167 0.0116  27 THR A N   
180 C CA  . THR A 27 ? 0.2173 0.1708 0.1483 -0.0032 -0.0130 0.0088  27 THR A CA  
181 C C   . THR A 27 ? 0.2285 0.1674 0.1430 -0.0009 -0.0122 0.0048  27 THR A C   
182 O O   . THR A 27 ? 0.2346 0.1632 0.1426 -0.0026 -0.0069 0.0029  27 THR A O   
183 C CB  . THR A 27 ? 0.2270 0.1874 0.1521 0.0011  -0.0095 0.0107  27 THR A CB  
184 O OG1 . THR A 27 ? 0.2421 0.2141 0.1749 0.0048  -0.0066 0.0193  27 THR A OG1 
185 C CG2 . THR A 27 ? 0.2355 0.1902 0.1508 -0.0016 -0.0105 0.0013  27 THR A CG2 
186 N N   A MET A 28 ? 0.2214 0.1610 0.1332 0.0053  -0.0145 0.0067  28 MET A N   
187 N N   B MET A 28 ? 0.2493 0.1877 0.1598 0.0055  -0.0144 0.0066  28 MET A N   
188 C CA  A MET A 28 ? 0.2350 0.1602 0.1278 0.0135  -0.0123 0.0077  28 MET A CA  
189 C CA  B MET A 28 ? 0.2774 0.1991 0.1677 0.0128  -0.0104 0.0075  28 MET A CA  
190 C C   A MET A 28 ? 0.2551 0.1712 0.1324 0.0173  -0.0153 0.0054  28 MET A C   
191 C C   B MET A 28 ? 0.2837 0.1986 0.1588 0.0181  -0.0152 0.0056  28 MET A C   
192 O O   A MET A 28 ? 0.2797 0.1783 0.1396 0.0218  -0.0037 0.0091  28 MET A O   
193 O O   B MET A 28 ? 0.3073 0.2044 0.1610 0.0257  -0.0053 0.0097  28 MET A O   
194 C CB  A MET A 28 ? 0.2193 0.1536 0.1166 0.0226  -0.0173 0.0115  28 MET A CB  
195 C CB  B MET A 28 ? 0.3088 0.2307 0.1954 0.0230  -0.0102 0.0120  28 MET A CB  
196 C CG  A MET A 28 ? 0.2425 0.1643 0.1176 0.0373  -0.0165 0.0163  28 MET A CG  
197 C CG  B MET A 28 ? 0.3481 0.2478 0.2114 0.0344  -0.0007 0.0179  28 MET A CG  
198 S SD  A MET A 28 ? 0.2565 0.1841 0.1156 0.0482  -0.0357 0.0112  28 MET A SD  
199 S SD  B MET A 28 ? 0.3991 0.2686 0.2590 0.0299  0.0222  0.0200  28 MET A SD  
200 C CE  A MET A 28 ? 0.2507 0.2128 0.1543 0.0437  -0.0558 0.0051  28 MET A CE  
201 C CE  B MET A 28 ? 0.3417 0.2117 0.2146 0.0259  0.0240  0.0130  28 MET A CE  
202 N N   . GLY A 29 ? 0.2660 0.1913 0.1514 0.0157  -0.0279 -0.0010 29 GLY A N   
203 C CA  . GLY A 29 ? 0.2932 0.2061 0.1557 0.0223  -0.0319 -0.0077 29 GLY A CA  
204 C C   . GLY A 29 ? 0.3016 0.2009 0.1568 0.0196  -0.0158 -0.0047 29 GLY A C   
205 O O   . GLY A 29 ? 0.3241 0.2063 0.1509 0.0307  -0.0067 -0.0025 29 GLY A O   
206 N N   . CYS A 30 ? 0.2501 0.1591 0.1318 0.0076  -0.0114 -0.0028 30 CYS A N   
207 C CA  . CYS A 30 ? 0.2615 0.1660 0.1482 0.0048  0.0014  0.0001  30 CYS A CA  
208 C C   . CYS A 30 ? 0.2653 0.1598 0.1485 0.0062  0.0166  0.0066  30 CYS A C   
209 O O   . CYS A 30 ? 0.2844 0.1667 0.1617 0.0114  0.0319  0.0113  30 CYS A O   
210 C CB  . CYS A 30 ? 0.2242 0.1456 0.1382 -0.0041 -0.0010 0.0013  30 CYS A CB  
211 S SG  . CYS A 30 ? 0.2382 0.1655 0.1717 -0.0066 0.0097  0.0049  30 CYS A SG  
212 N N   . LEU A 31 ? 0.2689 0.1655 0.1582 0.0029  0.0156  0.0073  31 LEU A N   
213 C CA  . LEU A 31 ? 0.2798 0.1622 0.1742 0.0025  0.0316  0.0118  31 LEU A CA  
214 C C   . LEU A 31 ? 0.3167 0.1757 0.1815 0.0182  0.0463  0.0227  31 LEU A C   
215 O O   . LEU A 31 ? 0.3437 0.1878 0.2141 0.0206  0.0683  0.0314  31 LEU A O   
216 C CB  . LEU A 31 ? 0.2879 0.1722 0.1901 -0.0020 0.0268  0.0072  31 LEU A CB  
217 C CG  . LEU A 31 ? 0.2654 0.1690 0.1884 -0.0126 0.0154  -0.0035 31 LEU A CG  
218 C CD1 . LEU A 31 ? 0.3039 0.2044 0.2199 -0.0103 0.0118  -0.0086 31 LEU A CD1 
219 C CD2 . LEU A 31 ? 0.2827 0.1901 0.2364 -0.0229 0.0204  -0.0091 31 LEU A CD2 
220 N N   . MET A 32 ? 0.3281 0.1861 0.1633 0.0313  0.0346  0.0229  32 MET A N   
221 C CA  A MET A 32 ? 0.3780 0.2167 0.1724 0.0537  0.0432  0.0329  32 MET A CA  
222 C CA  B MET A 32 ? 0.3660 0.2048 0.1603 0.0537  0.0430  0.0328  32 MET A CA  
223 C C   . MET A 32 ? 0.3837 0.2115 0.1595 0.0615  0.0551  0.0349  32 MET A C   
224 O O   . MET A 32 ? 0.4457 0.2520 0.2017 0.0760  0.0796  0.0493  32 MET A O   
225 C CB  A MET A 32 ? 0.4036 0.2536 0.1748 0.0663  0.0186  0.0268  32 MET A CB  
226 C CB  B MET A 32 ? 0.3752 0.2253 0.1464 0.0662  0.0184  0.0266  32 MET A CB  
227 C CG  A MET A 32 ? 0.4237 0.2871 0.2135 0.0630  0.0084  0.0268  32 MET A CG  
228 C CG  B MET A 32 ? 0.3775 0.2371 0.1620 0.0664  0.0110  0.0291  32 MET A CG  
229 S SD  A MET A 32 ? 0.4696 0.3114 0.2368 0.0839  0.0256  0.0450  32 MET A SD  
230 S SD  B MET A 32 ? 0.4118 0.2442 0.1731 0.0865  0.0345  0.0491  32 MET A SD  
231 C CE  A MET A 32 ? 0.5285 0.3454 0.2458 0.1085  0.0418  0.0575  32 MET A CE  
232 C CE  B MET A 32 ? 0.3670 0.2138 0.1516 0.0842  0.0245  0.0479  32 MET A CE  
233 N N   . TYR A 33 ? 0.3383 0.1865 0.1601 -0.0029 0.0328  0.0228  33 TYR A N   
234 C CA  . TYR A 33 ? 0.3363 0.1870 0.1583 -0.0043 0.0369  0.0211  33 TYR A CA  
235 C C   . TYR A 33 ? 0.3332 0.1783 0.1626 -0.0126 0.0496  0.0226  33 TYR A C   
236 O O   . TYR A 33 ? 0.3585 0.1988 0.1762 -0.0114 0.0610  0.0256  33 TYR A O   
237 C CB  . TYR A 33 ? 0.3036 0.1687 0.1452 -0.0074 0.0277  0.0139  33 TYR A CB  
238 C CG  . TYR A 33 ? 0.3035 0.1728 0.1489 -0.0055 0.0299  0.0065  33 TYR A CG  
239 C CD1 . TYR A 33 ? 0.3080 0.1840 0.1409 0.0042  0.0274  -0.0019 33 TYR A CD1 
240 C CD2 . TYR A 33 ? 0.2952 0.1675 0.1560 -0.0104 0.0341  0.0043  33 TYR A CD2 
241 C CE1 . TYR A 33 ? 0.3138 0.1996 0.1490 0.0082  0.0301  -0.0128 33 TYR A CE1 
242 C CE2 . TYR A 33 ? 0.3094 0.1900 0.1756 -0.0068 0.0366  -0.0063 33 TYR A CE2 
243 C CZ  . TYR A 33 ? 0.3084 0.1958 0.1613 0.0022  0.0352  -0.0151 33 TYR A CZ  
244 O OH  . TYR A 33 ? 0.3272 0.2288 0.1849 0.0074  0.0382  -0.0295 33 TYR A OH  
245 N N   . ILE A 34 ? 0.3222 0.1737 0.1720 -0.0210 0.0485  0.0185  34 ILE A N   
246 C CA  . ILE A 34 ? 0.3303 0.1852 0.1969 -0.0299 0.0595  0.0130  34 ILE A CA  
247 C C   . ILE A 34 ? 0.3646 0.1982 0.2273 -0.0355 0.0761  0.0180  34 ILE A C   
248 O O   . ILE A 34 ? 0.3919 0.2242 0.2630 -0.0437 0.0919  0.0170  34 ILE A O   
249 C CB  . ILE A 34 ? 0.3153 0.1912 0.2063 -0.0340 0.0514  0.0026  34 ILE A CB  
250 C CG1 . ILE A 34 ? 0.3163 0.1932 0.2105 -0.0351 0.0476  -0.0011 34 ILE A CG1 
251 C CG2 . ILE A 34 ? 0.3151 0.2035 0.2088 -0.0276 0.0384  0.0042  34 ILE A CG2 
252 C CD1 . ILE A 34 ? 0.2889 0.1947 0.2036 -0.0361 0.0399  -0.0147 34 ILE A CD1 
253 N N   . TRP A 35 ? 0.3926 0.2074 0.2436 -0.0306 0.0743  0.0242  35 TRP A N   
254 C CA  . TRP A 35 ? 0.4213 0.2054 0.2694 -0.0341 0.0906  0.0326  35 TRP A CA  
255 C C   . TRP A 35 ? 0.4667 0.2330 0.2826 -0.0267 0.1031  0.0515  35 TRP A C   
256 O O   . TRP A 35 ? 0.5039 0.2476 0.3195 -0.0344 0.1244  0.0624  35 TRP A O   
257 C CB  . TRP A 35 ? 0.4225 0.1915 0.2690 -0.0265 0.0824  0.0318  35 TRP A CB  
258 C CG  . TRP A 35 ? 0.4088 0.1984 0.2867 -0.0338 0.0742  0.0109  35 TRP A CG  
259 C CD1 . TRP A 35 ? 0.4025 0.2152 0.3090 -0.0457 0.0757  -0.0051 35 TRP A CD1 
260 C CD2 . TRP A 35 ? 0.4116 0.2069 0.2928 -0.0262 0.0623  0.0016  35 TRP A CD2 
261 N NE1 . TRP A 35 ? 0.3979 0.2317 0.3222 -0.0449 0.0645  -0.0238 35 TRP A NE1 
262 C CE2 . TRP A 35 ? 0.3903 0.2132 0.2998 -0.0340 0.0576  -0.0199 35 TRP A CE2 
263 C CE3 . TRP A 35 ? 0.4332 0.2172 0.2975 -0.0114 0.0546  0.0066  35 TRP A CE3 
264 C CZ2 . TRP A 35 ? 0.3924 0.2342 0.3105 -0.0282 0.0470  -0.0359 35 TRP A CZ2 
265 C CZ3 . TRP A 35 ? 0.4485 0.2500 0.3264 -0.0069 0.0445  -0.0105 35 TRP A CZ3 
266 C CH2 . TRP A 35 ? 0.4137 0.2442 0.3166 -0.0159 0.0417  -0.0311 35 TRP A CH2 
267 N N   . ASN A 36 ? 0.4655 0.2446 0.2552 -0.0120 0.0914  0.0545  36 ASN A N   
268 C CA  . ASN A 36 ? 0.5139 0.2852 0.2662 0.0009  0.0998  0.0698  36 ASN A CA  
269 C C   . ASN A 36 ? 0.5132 0.3073 0.2655 -0.0041 0.1095  0.0646  36 ASN A C   
270 O O   . ASN A 36 ? 0.5836 0.3728 0.3105 -0.0005 0.1270  0.0780  36 ASN A O   
271 C CB  . ASN A 36 ? 0.5462 0.3268 0.2731 0.0222  0.0804  0.0688  36 ASN A CB  
272 C CG  . ASN A 36 ? 0.6775 0.4493 0.3580 0.0423  0.0869  0.0863  36 ASN A CG  
273 O OD1 . ASN A 36 ? 0.7728 0.5134 0.4340 0.0427  0.1068  0.1094  36 ASN A OD1 
274 N ND2 . ASN A 36 ? 0.7396 0.5400 0.4022 0.0593  0.0714  0.0756  36 ASN A ND2 
275 N N   . ASN A 37 ? 0.4573 0.2777 0.2365 -0.0099 0.0982  0.0455  37 ASN A N   
276 C CA  . ASN A 37 ? 0.4554 0.3015 0.2380 -0.0094 0.1013  0.0345  37 ASN A CA  
277 C C   . ASN A 37 ? 0.4638 0.3255 0.2831 -0.0247 0.1099  0.0220  37 ASN A C   
278 O O   . ASN A 37 ? 0.5266 0.4118 0.3528 -0.0229 0.1127  0.0099  37 ASN A O   
279 C CB  . ASN A 37 ? 0.4234 0.2877 0.2089 0.0017  0.0789  0.0197  37 ASN A CB  
280 C CG  . ASN A 37 ? 0.4415 0.3035 0.1944 0.0188  0.0701  0.0245  37 ASN A CG  
281 O OD1 . ASN A 37 ? 0.4888 0.3570 0.2088 0.0314  0.0774  0.0296  37 ASN A OD1 
282 N ND2 . ASN A 37 ? 0.4235 0.2795 0.1830 0.0209  0.0556  0.0237  37 ASN A ND2 
283 N N   . CYS A 38 ? 0.4846 0.3383 0.3291 -0.0375 0.1134  0.0207  38 CYS A N   
284 C CA  . CYS A 38 ? 0.4672 0.3446 0.3512 -0.0488 0.1161  0.0030  38 CYS A CA  
285 C C   . CYS A 38 ? 0.5649 0.4339 0.4689 -0.0662 0.1383  0.0036  38 CYS A C   
286 O O   . CYS A 38 ? 0.5907 0.4848 0.5252 -0.0764 0.1490  -0.0117 38 CYS A O   
287 C CB  . CYS A 38 ? 0.4439 0.3325 0.3490 -0.0457 0.0933  -0.0078 38 CYS A CB  
288 S SG  . CYS A 38 ? 0.3966 0.2887 0.2905 -0.0304 0.0701  -0.0073 38 CYS A SG  
289 O OXT . CYS A 38 ? 0.6131 0.4513 0.5076 -0.0699 0.1454  0.0166  38 CYS A OXT 
# 
